data_6JL8
#
_entry.id   6JL8
#
_cell.length_a   124.564
_cell.length_b   124.564
_cell.length_c   540.174
_cell.angle_alpha   90.00
_cell.angle_beta   90.00
_cell.angle_gamma   90.00
#
_symmetry.space_group_name_H-M   'I 4 2 2'
#
loop_
_entity.id
_entity.type
_entity.pdbx_description
1 polymer 'GMP reductase'
2 water water
#
_entity_poly.entity_id   1
_entity_poly.type   'polypeptide(L)'
_entity_poly.pdbx_seq_one_letter_code
;MSFNESASIPTGLTYDDVLIIPQHSRVTSRKEVNTTTRLSRNVKLSIPIVASNMDTVCEQRMAVAMAREGGIGILHRFCS
IEEQCAMLREVKRAQSFLIESPRIILPHETAREAWEGLNWKGRVGGVGCLLVVNCKNERKLLGIITRHDLKLADESTTVE
SLMTPVDKMVVSTNTSISLEEVTHLMRKGRTANVPIVGQNGQLLYLVTLSDVVKLRKNKQASLDSRGRLLVGAAVGVKKD
DMNRAIRLVEAGADVLVVDIAHGHSDLCINMVKRLKGDPRTASVDIIAGNIASAEAAEALIDAGADGLKIGVGPGSIAIT
RLVAGAGVPQLSAVLACTRVARRRGVPCIADGGLRTSGDISKAIGAGADTVMLGNMLAGTDEAPGRVLVKDGQKVKIIRG
MAGFGANLSKAERERTQDEDVFSSLVPEGVEGSVACKGPVGPIVRQLVGGLRSGMSYSGAKSIEEMQRRTRFVRMTGAGL
RESGSHGVAKLKLAAALEHHHHHH
;
_entity_poly.pdbx_strand_id   A,B
#
# COMPACT_ATOMS: atom_id res chain seq x y z
N PHE A 3 -36.55 42.45 -17.00
CA PHE A 3 -35.40 41.65 -16.53
C PHE A 3 -34.18 41.82 -17.47
N ASN A 4 -33.65 43.05 -17.52
CA ASN A 4 -32.64 43.38 -18.52
C ASN A 4 -31.24 43.01 -18.07
N GLU A 5 -30.91 43.26 -16.80
CA GLU A 5 -29.60 42.95 -16.23
C GLU A 5 -29.11 41.56 -16.63
N SER A 6 -30.04 40.66 -16.89
CA SER A 6 -29.74 39.29 -17.25
C SER A 6 -29.64 39.10 -18.78
N ALA A 7 -29.84 40.14 -19.56
CA ALA A 7 -29.71 40.00 -21.00
C ALA A 7 -28.34 40.42 -21.52
N SER A 8 -27.54 41.11 -20.71
CA SER A 8 -26.22 41.53 -21.12
C SER A 8 -25.11 40.63 -20.59
N ILE A 9 -25.46 39.43 -20.13
CA ILE A 9 -24.47 38.43 -19.78
C ILE A 9 -24.09 37.68 -21.06
N PRO A 10 -22.84 37.69 -21.47
CA PRO A 10 -22.47 36.93 -22.67
C PRO A 10 -22.57 35.45 -22.40
N THR A 11 -22.61 34.67 -23.48
CA THR A 11 -22.69 33.22 -23.42
C THR A 11 -21.36 32.61 -23.81
N GLY A 12 -20.75 31.91 -22.88
CA GLY A 12 -19.55 31.16 -23.18
C GLY A 12 -19.88 29.77 -23.68
N LEU A 13 -19.00 29.26 -24.52
CA LEU A 13 -19.19 28.01 -25.23
C LEU A 13 -18.14 27.00 -24.79
N THR A 14 -18.54 25.75 -24.73
CA THR A 14 -17.60 24.69 -24.43
C THR A 14 -17.48 23.76 -25.63
N TYR A 15 -16.61 22.74 -25.53
CA TYR A 15 -16.35 21.88 -26.69
C TYR A 15 -17.63 21.21 -27.19
N ASP A 16 -18.57 20.89 -26.30
CA ASP A 16 -19.77 20.22 -26.81
C ASP A 16 -20.79 21.18 -27.39
N ASP A 17 -20.52 22.47 -27.39
CA ASP A 17 -21.40 23.43 -28.00
C ASP A 17 -21.16 23.59 -29.49
N VAL A 18 -20.03 23.11 -29.99
CA VAL A 18 -19.59 23.40 -31.35
C VAL A 18 -19.24 22.12 -32.07
N LEU A 19 -19.29 22.20 -33.40
CA LEU A 19 -18.59 21.31 -34.30
C LEU A 19 -17.83 22.16 -35.32
N ILE A 20 -16.80 21.55 -35.91
CA ILE A 20 -16.01 22.16 -36.97
C ILE A 20 -16.80 22.08 -38.27
N ILE A 21 -17.07 23.23 -38.89
CA ILE A 21 -17.73 23.24 -40.20
C ILE A 21 -16.75 22.74 -41.24
N PRO A 22 -17.04 21.66 -41.98
CA PRO A 22 -16.09 21.21 -43.01
C PRO A 22 -15.87 22.29 -44.05
N GLN A 23 -14.62 22.39 -44.51
CA GLN A 23 -14.16 23.39 -45.48
C GLN A 23 -13.41 22.64 -46.58
N HIS A 24 -13.10 23.34 -47.67
CA HIS A 24 -12.52 22.66 -48.82
C HIS A 24 -11.13 22.15 -48.48
N SER A 25 -10.94 20.81 -48.62
CA SER A 25 -9.72 20.10 -48.27
C SER A 25 -8.91 19.81 -49.54
N ARG A 26 -7.81 20.51 -49.73
CA ARG A 26 -6.93 20.20 -50.85
C ARG A 26 -5.92 19.11 -50.49
N VAL A 27 -6.09 18.47 -49.33
CA VAL A 27 -5.18 17.43 -48.86
C VAL A 27 -5.47 16.13 -49.57
N THR A 28 -4.45 15.53 -50.17
CA THR A 28 -4.55 14.17 -50.70
C THR A 28 -3.88 13.17 -49.75
N SER A 29 -2.56 13.27 -49.60
CA SER A 29 -1.77 12.37 -48.74
C SER A 29 -2.11 12.59 -47.26
N ARG A 30 -2.92 11.69 -46.69
CA ARG A 30 -3.40 11.83 -45.31
C ARG A 30 -2.29 11.97 -44.28
N LYS A 31 -1.02 11.82 -44.70
CA LYS A 31 0.14 12.15 -43.89
C LYS A 31 1.05 13.10 -44.65
N GLU A 32 0.47 14.12 -45.30
CA GLU A 32 1.15 15.37 -45.60
C GLU A 32 0.69 16.47 -44.63
N VAL A 33 0.11 16.05 -43.52
CA VAL A 33 -0.40 16.93 -42.46
C VAL A 33 0.64 16.98 -41.36
N ASN A 34 1.19 18.17 -41.17
CA ASN A 34 2.17 18.48 -40.13
C ASN A 34 1.43 18.80 -38.84
N THR A 35 1.86 18.21 -37.71
CA THR A 35 1.25 18.55 -36.42
C THR A 35 2.24 19.18 -35.47
N THR A 36 3.39 19.65 -35.93
CA THR A 36 4.30 20.22 -34.94
C THR A 36 3.83 21.62 -34.51
N THR A 37 4.32 22.06 -33.36
CA THR A 37 3.74 23.23 -32.72
C THR A 37 4.71 23.69 -31.62
N ARG A 38 4.23 24.55 -30.75
CA ARG A 38 5.13 25.12 -29.76
C ARG A 38 4.49 24.97 -28.40
N LEU A 39 5.28 24.54 -27.43
CA LEU A 39 4.82 24.45 -26.06
C LEU A 39 4.95 25.78 -25.39
N SER A 40 6.02 26.49 -25.69
CA SER A 40 6.27 27.87 -25.27
C SER A 40 7.11 28.54 -26.34
N ARG A 41 7.48 29.80 -26.09
CA ARG A 41 8.28 30.59 -27.02
C ARG A 41 9.47 29.83 -27.60
N ASN A 42 10.21 29.07 -26.77
CA ASN A 42 11.46 28.44 -27.18
C ASN A 42 11.41 26.92 -27.06
N VAL A 43 10.23 26.33 -27.18
CA VAL A 43 10.12 24.88 -27.13
C VAL A 43 9.11 24.47 -28.19
N LYS A 44 9.59 23.73 -29.21
CA LYS A 44 8.73 23.12 -30.22
C LYS A 44 8.50 21.63 -29.87
N LEU A 45 7.31 21.11 -30.21
CA LEU A 45 6.99 19.71 -30.09
C LEU A 45 6.46 19.21 -31.43
N SER A 46 6.64 17.90 -31.66
CA SER A 46 6.20 17.29 -32.90
C SER A 46 4.71 17.05 -32.90
N ILE A 47 4.12 16.83 -31.72
CA ILE A 47 2.69 16.60 -31.61
C ILE A 47 2.20 17.48 -30.46
N PRO A 48 0.98 18.02 -30.54
CA PRO A 48 0.59 19.07 -29.58
C PRO A 48 0.00 18.56 -28.27
N ILE A 49 0.33 17.33 -27.87
CA ILE A 49 -0.23 16.70 -26.68
C ILE A 49 0.70 16.94 -25.51
N VAL A 50 0.13 17.24 -24.33
CA VAL A 50 0.91 17.40 -23.09
C VAL A 50 0.26 16.57 -21.98
N ALA A 51 1.10 15.87 -21.21
CA ALA A 51 0.65 15.07 -20.09
C ALA A 51 0.47 15.95 -18.86
N SER A 52 -0.77 16.17 -18.47
CA SER A 52 -1.09 17.09 -17.39
C SER A 52 -0.34 16.77 -16.10
N ASN A 53 0.07 17.82 -15.40
CA ASN A 53 0.79 17.71 -14.13
C ASN A 53 -0.16 17.37 -12.97
N MET A 54 -0.80 16.22 -13.08
CA MET A 54 -1.66 15.70 -12.02
C MET A 54 -1.02 14.43 -11.46
N ASP A 55 -1.19 14.23 -10.16
CA ASP A 55 -0.46 13.12 -9.53
C ASP A 55 -1.04 11.77 -9.88
N THR A 56 -2.13 11.74 -10.64
CA THR A 56 -2.65 10.49 -11.18
C THR A 56 -2.30 10.30 -12.63
N VAL A 57 -1.37 11.09 -13.17
CA VAL A 57 -1.09 11.09 -14.60
C VAL A 57 0.40 11.11 -14.90
N CYS A 58 1.09 12.16 -14.50
CA CYS A 58 2.47 12.36 -14.99
C CYS A 58 3.52 12.25 -13.89
N GLU A 59 4.30 11.16 -13.93
CA GLU A 59 5.56 11.09 -13.20
C GLU A 59 6.63 10.56 -14.17
N GLN A 60 7.68 9.87 -13.68
CA GLN A 60 8.78 9.43 -14.55
C GLN A 60 8.28 8.76 -15.82
N ARG A 61 7.54 7.65 -15.69
CA ARG A 61 7.23 6.84 -16.86
C ARG A 61 6.32 7.57 -17.85
N MET A 62 5.40 8.42 -17.39
CA MET A 62 4.54 9.14 -18.33
C MET A 62 5.32 10.20 -19.11
N ALA A 63 6.19 10.95 -18.43
CA ALA A 63 6.99 11.99 -19.09
C ALA A 63 7.93 11.38 -20.13
N VAL A 64 8.43 10.17 -19.88
CA VAL A 64 9.26 9.49 -20.88
C VAL A 64 8.43 9.14 -22.11
N ALA A 65 7.39 8.32 -21.92
CA ALA A 65 6.48 7.96 -22.99
C ALA A 65 6.07 9.17 -23.82
N MET A 66 5.64 10.24 -23.15
CA MET A 66 5.14 11.39 -23.87
C MET A 66 6.22 12.07 -24.72
N ALA A 67 7.45 12.16 -24.21
CA ALA A 67 8.51 12.75 -25.02
C ALA A 67 8.97 11.82 -26.14
N ARG A 68 8.90 10.50 -25.92
CA ARG A 68 9.27 9.58 -26.99
C ARG A 68 8.25 9.64 -28.12
N GLU A 69 6.97 9.79 -27.78
CA GLU A 69 5.92 9.96 -28.77
C GLU A 69 5.93 11.32 -29.47
N GLY A 70 6.71 12.27 -28.98
CA GLY A 70 6.83 13.55 -29.66
C GLY A 70 6.18 14.74 -28.99
N GLY A 71 5.56 14.56 -27.82
CA GLY A 71 5.10 15.68 -27.02
C GLY A 71 6.00 15.83 -25.81
N ILE A 72 5.39 15.97 -24.64
CA ILE A 72 6.10 16.30 -23.40
C ILE A 72 5.16 16.01 -22.24
N GLY A 73 5.71 15.69 -21.07
CA GLY A 73 4.94 15.52 -19.86
C GLY A 73 5.38 16.55 -18.84
N ILE A 74 4.48 16.92 -17.94
CA ILE A 74 4.79 17.93 -16.92
C ILE A 74 4.72 17.22 -15.60
N LEU A 75 5.86 17.12 -14.92
CA LEU A 75 5.90 16.36 -13.68
C LEU A 75 5.14 17.12 -12.60
N HIS A 76 4.31 16.41 -11.88
CA HIS A 76 3.50 17.11 -10.91
C HIS A 76 4.33 17.45 -9.66
N ARG A 77 3.86 18.43 -8.89
CA ARG A 77 4.56 18.90 -7.70
C ARG A 77 3.90 18.46 -6.39
N PHE A 78 3.00 17.48 -6.43
CA PHE A 78 2.35 17.04 -5.19
C PHE A 78 3.21 15.98 -4.50
N CYS A 79 4.37 16.47 -4.04
CA CYS A 79 5.54 15.66 -3.70
C CYS A 79 6.62 16.60 -3.17
N SER A 80 7.58 16.01 -2.46
CA SER A 80 8.67 16.80 -1.94
C SER A 80 9.48 17.37 -3.09
N ILE A 81 10.35 18.32 -2.79
CA ILE A 81 11.25 18.74 -3.85
C ILE A 81 12.14 17.58 -4.27
N GLU A 82 12.74 16.88 -3.30
CA GLU A 82 13.63 15.79 -3.67
C GLU A 82 12.92 14.82 -4.59
N GLU A 83 11.65 14.57 -4.32
CA GLU A 83 10.93 13.63 -5.14
C GLU A 83 10.76 14.16 -6.56
N GLN A 84 10.43 15.44 -6.69
CA GLN A 84 10.23 15.98 -8.04
C GLN A 84 11.52 15.98 -8.84
N CYS A 85 12.66 16.27 -8.19
CA CYS A 85 13.94 16.26 -8.89
C CYS A 85 14.42 14.85 -9.18
N ALA A 86 14.15 13.91 -8.28
CA ALA A 86 14.49 12.54 -8.57
C ALA A 86 13.77 12.08 -9.84
N MET A 87 12.48 12.39 -9.95
CA MET A 87 11.68 12.05 -11.12
C MET A 87 12.30 12.64 -12.37
N LEU A 88 12.53 13.95 -12.35
CA LEU A 88 13.13 14.62 -13.48
C LEU A 88 14.47 14.00 -13.86
N ARG A 89 15.24 13.54 -12.87
CA ARG A 89 16.55 12.95 -13.16
C ARG A 89 16.40 11.57 -13.82
N GLU A 90 15.43 10.76 -13.38
CA GLU A 90 15.23 9.50 -14.08
C GLU A 90 14.89 9.77 -15.53
N VAL A 91 14.02 10.74 -15.78
CA VAL A 91 13.66 11.07 -17.16
C VAL A 91 14.92 11.46 -17.96
N LYS A 92 15.77 12.30 -17.39
CA LYS A 92 16.87 12.83 -18.17
C LYS A 92 17.94 11.80 -18.49
N ARG A 93 17.82 10.57 -17.96
CA ARG A 93 18.80 9.56 -18.33
C ARG A 93 18.17 8.30 -18.94
N ALA A 94 16.93 8.38 -19.44
CA ALA A 94 16.31 7.19 -20.00
C ALA A 94 16.63 6.94 -21.47
N GLN A 95 17.32 7.87 -22.16
CA GLN A 95 17.77 7.59 -23.52
C GLN A 95 19.21 7.06 -23.57
N SER A 96 19.80 6.74 -22.42
CA SER A 96 21.15 6.22 -22.39
C SER A 96 21.15 4.75 -22.75
N PHE A 97 21.96 4.37 -23.75
CA PHE A 97 22.03 2.97 -24.14
C PHE A 97 23.13 2.21 -23.41
N LEU A 98 24.01 2.91 -22.70
CA LEU A 98 24.93 2.27 -21.76
C LEU A 98 24.18 1.84 -20.51
N ILE A 99 24.19 0.55 -20.24
CA ILE A 99 23.63 -0.03 -19.02
C ILE A 99 24.77 -0.18 -18.03
N GLU A 100 24.66 0.50 -16.89
CA GLU A 100 25.59 0.30 -15.78
C GLU A 100 25.05 -0.79 -14.89
N SER A 101 25.94 -1.66 -14.40
CA SER A 101 25.57 -2.79 -13.56
C SER A 101 24.46 -3.63 -14.20
N PRO A 102 24.78 -4.39 -15.24
CA PRO A 102 23.81 -5.33 -15.80
C PRO A 102 23.92 -6.70 -15.15
N ARG A 103 22.86 -7.49 -15.30
CA ARG A 103 22.69 -8.76 -14.61
C ARG A 103 23.83 -9.75 -14.85
N ILE A 104 24.63 -10.00 -13.79
CA ILE A 104 25.79 -10.89 -13.84
C ILE A 104 25.38 -12.33 -13.43
N ILE A 105 26.30 -13.29 -13.64
CA ILE A 105 26.15 -14.70 -13.24
C ILE A 105 27.50 -15.41 -13.37
N LEU A 106 27.77 -16.38 -12.54
CA LEU A 106 29.11 -16.96 -12.40
C LEU A 106 29.18 -18.38 -12.98
N PRO A 107 30.35 -18.78 -13.47
CA PRO A 107 30.41 -19.95 -14.37
C PRO A 107 29.82 -21.22 -13.80
N HIS A 108 29.85 -21.40 -12.48
CA HIS A 108 29.48 -22.64 -11.84
C HIS A 108 28.02 -22.70 -11.40
N GLU A 109 27.17 -21.78 -11.84
CA GLU A 109 25.79 -21.87 -11.46
C GLU A 109 25.04 -22.78 -12.43
N THR A 110 23.81 -23.10 -12.09
CA THR A 110 23.03 -24.05 -12.87
C THR A 110 22.19 -23.33 -13.93
N ALA A 111 21.74 -24.10 -14.91
CA ALA A 111 20.71 -23.61 -15.82
C ALA A 111 19.44 -23.22 -15.06
N ARG A 112 19.17 -23.89 -13.94
CA ARG A 112 18.11 -23.43 -13.06
C ARG A 112 18.46 -22.08 -12.44
N GLU A 113 19.72 -21.92 -11.99
CA GLU A 113 20.17 -20.63 -11.48
C GLU A 113 20.15 -19.54 -12.55
N ALA A 114 20.06 -19.91 -13.83
CA ALA A 114 20.07 -18.93 -14.92
C ALA A 114 18.68 -18.51 -15.37
N TRP A 115 17.75 -19.45 -15.55
CA TRP A 115 16.36 -19.08 -15.76
C TRP A 115 15.86 -18.17 -14.64
N GLU A 116 16.32 -18.42 -13.41
CA GLU A 116 15.98 -17.55 -12.30
C GLU A 116 16.49 -16.14 -12.56
N GLY A 117 17.72 -16.01 -13.05
CA GLY A 117 18.30 -14.69 -13.28
C GLY A 117 17.68 -13.96 -14.46
N LEU A 118 17.30 -14.69 -15.51
CA LEU A 118 16.81 -14.03 -16.72
C LEU A 118 15.42 -13.45 -16.54
N ASN A 119 14.54 -14.17 -15.81
CA ASN A 119 13.15 -13.78 -15.69
C ASN A 119 12.87 -12.90 -14.48
N TRP A 120 13.82 -12.76 -13.55
CA TRP A 120 13.70 -11.80 -12.46
C TRP A 120 13.47 -10.40 -13.01
N LYS A 121 12.47 -9.71 -12.44
CA LYS A 121 11.97 -8.45 -12.99
C LYS A 121 12.91 -7.27 -12.69
N GLY A 122 14.17 -7.40 -13.15
CA GLY A 122 15.07 -6.26 -13.14
C GLY A 122 14.46 -5.07 -13.88
N ARG A 123 14.07 -5.30 -15.13
CA ARG A 123 13.19 -4.42 -15.89
C ARG A 123 11.84 -5.11 -16.08
N VAL A 124 10.83 -4.32 -16.46
CA VAL A 124 9.46 -4.80 -16.67
C VAL A 124 9.43 -5.78 -17.83
N GLY A 125 9.42 -7.07 -17.51
CA GLY A 125 9.55 -8.12 -18.51
C GLY A 125 10.72 -9.04 -18.18
N GLY A 126 11.87 -8.44 -17.86
CA GLY A 126 13.09 -9.12 -17.50
C GLY A 126 14.27 -8.64 -18.33
N VAL A 127 15.34 -9.42 -18.30
CA VAL A 127 16.54 -9.16 -19.09
C VAL A 127 16.67 -10.26 -20.15
N GLY A 128 17.47 -9.97 -21.17
CA GLY A 128 17.60 -10.87 -22.31
C GLY A 128 18.90 -11.66 -22.34
N CYS A 129 19.89 -11.22 -21.57
CA CYS A 129 21.11 -11.98 -21.38
C CYS A 129 21.57 -11.82 -19.94
N LEU A 130 22.50 -12.69 -19.54
CA LEU A 130 23.27 -12.55 -18.32
C LEU A 130 24.74 -12.61 -18.71
N LEU A 131 25.49 -11.58 -18.37
CA LEU A 131 26.92 -11.60 -18.61
C LEU A 131 27.59 -12.46 -17.54
N VAL A 132 28.48 -13.33 -17.97
CA VAL A 132 29.09 -14.32 -17.09
C VAL A 132 30.46 -13.80 -16.65
N VAL A 133 30.56 -13.44 -15.37
CA VAL A 133 31.81 -13.01 -14.77
C VAL A 133 32.23 -14.06 -13.75
N ASN A 134 33.49 -14.01 -13.35
CA ASN A 134 34.04 -14.98 -12.41
C ASN A 134 33.81 -14.62 -10.95
N CYS A 135 33.58 -13.34 -10.63
CA CYS A 135 33.36 -12.92 -9.25
C CYS A 135 32.47 -11.69 -9.24
N LYS A 136 31.50 -11.66 -8.32
CA LYS A 136 30.55 -10.55 -8.23
C LYS A 136 31.22 -9.23 -7.85
N ASN A 137 32.53 -9.26 -7.56
CA ASN A 137 33.30 -8.06 -7.23
C ASN A 137 34.34 -7.74 -8.29
N GLU A 138 35.30 -8.64 -8.55
CA GLU A 138 36.29 -8.39 -9.61
C GLU A 138 35.62 -8.21 -10.96
N ARG A 139 34.70 -9.12 -11.31
CA ARG A 139 33.78 -8.96 -12.44
C ARG A 139 34.46 -9.05 -13.81
N LYS A 140 35.48 -9.91 -13.93
CA LYS A 140 36.07 -10.16 -15.24
C LYS A 140 35.10 -10.93 -16.13
N LEU A 141 34.91 -10.45 -17.37
CA LEU A 141 33.94 -11.07 -18.27
C LEU A 141 34.52 -12.32 -18.91
N LEU A 142 33.77 -13.43 -18.80
CA LEU A 142 34.12 -14.70 -19.41
C LEU A 142 33.19 -15.13 -20.53
N GLY A 143 31.92 -14.73 -20.48
CA GLY A 143 31.00 -15.14 -21.53
C GLY A 143 29.65 -14.47 -21.37
N ILE A 144 28.69 -14.98 -22.14
CA ILE A 144 27.33 -14.46 -22.16
C ILE A 144 26.37 -15.65 -22.27
N ILE A 145 25.24 -15.57 -21.60
CA ILE A 145 24.23 -16.61 -21.67
C ILE A 145 22.89 -15.96 -21.97
N THR A 146 22.21 -16.47 -22.99
CA THR A 146 20.89 -16.00 -23.39
C THR A 146 19.85 -17.11 -23.22
N ARG A 147 18.57 -16.71 -23.20
CA ARG A 147 17.49 -17.68 -22.99
C ARG A 147 17.60 -18.89 -23.90
N HIS A 148 18.21 -18.72 -25.09
CA HIS A 148 18.24 -19.82 -26.05
C HIS A 148 19.28 -20.86 -25.67
N ASP A 149 20.43 -20.42 -25.14
CA ASP A 149 21.46 -21.34 -24.66
C ASP A 149 20.93 -22.33 -23.65
N LEU A 150 19.81 -22.01 -22.99
CA LEU A 150 19.27 -22.84 -21.92
C LEU A 150 18.24 -23.85 -22.42
N LYS A 151 17.60 -23.60 -23.57
CA LYS A 151 16.44 -24.36 -24.02
C LYS A 151 16.69 -25.87 -24.22
N LEU A 152 17.93 -26.35 -24.05
CA LEU A 152 18.19 -27.76 -24.32
C LEU A 152 19.07 -28.41 -23.24
N ALA A 153 19.05 -27.90 -22.02
CA ALA A 153 19.87 -28.43 -20.93
C ALA A 153 19.01 -28.68 -19.70
N ASP A 154 19.36 -29.73 -18.96
CA ASP A 154 18.70 -30.02 -17.69
C ASP A 154 18.98 -28.89 -16.69
N GLU A 155 18.07 -28.74 -15.73
CA GLU A 155 18.23 -27.71 -14.70
C GLU A 155 19.58 -27.78 -14.01
N SER A 156 20.28 -28.91 -14.10
CA SER A 156 21.49 -29.17 -13.34
C SER A 156 22.76 -28.88 -14.11
N THR A 157 22.68 -28.22 -15.27
CA THR A 157 23.85 -28.00 -16.11
C THR A 157 24.52 -26.66 -15.80
N THR A 158 25.85 -26.65 -15.84
CA THR A 158 26.59 -25.46 -15.47
C THR A 158 26.40 -24.36 -16.52
N VAL A 159 26.79 -23.15 -16.15
CA VAL A 159 26.71 -22.06 -17.13
C VAL A 159 27.87 -22.16 -18.12
N GLU A 160 29.09 -22.41 -17.62
CA GLU A 160 30.23 -22.62 -18.49
C GLU A 160 29.92 -23.63 -19.59
N SER A 161 29.05 -24.57 -19.29
CA SER A 161 28.69 -25.56 -20.27
C SER A 161 27.97 -25.06 -21.51
N LEU A 162 27.06 -24.12 -21.34
CA LEU A 162 26.20 -23.66 -22.43
C LEU A 162 26.54 -22.27 -22.95
N MET A 163 27.33 -21.49 -22.22
CA MET A 163 27.57 -20.09 -22.54
C MET A 163 28.35 -19.94 -23.84
N THR A 164 28.29 -18.74 -24.42
CA THR A 164 29.23 -18.33 -25.47
C THR A 164 30.43 -17.69 -24.79
N PRO A 165 31.64 -18.15 -25.04
CA PRO A 165 32.81 -17.57 -24.36
C PRO A 165 33.12 -16.18 -24.87
N VAL A 166 33.74 -15.37 -24.00
CA VAL A 166 34.00 -13.98 -24.32
C VAL A 166 34.81 -13.84 -25.63
N ASP A 167 35.70 -14.79 -25.91
CA ASP A 167 36.52 -14.64 -27.12
C ASP A 167 35.67 -14.71 -28.38
N LYS A 168 34.45 -15.24 -28.30
CA LYS A 168 33.54 -15.33 -29.43
C LYS A 168 32.43 -14.30 -29.36
N MET A 169 32.45 -13.43 -28.37
CA MET A 169 31.55 -12.29 -28.36
C MET A 169 32.24 -11.11 -29.01
N VAL A 170 31.48 -10.05 -29.19
CA VAL A 170 31.96 -8.81 -29.73
C VAL A 170 32.06 -7.86 -28.56
N VAL A 171 33.21 -7.27 -28.36
CA VAL A 171 33.41 -6.38 -27.24
C VAL A 171 34.01 -5.02 -27.57
N SER A 172 33.94 -4.09 -26.64
CA SER A 172 34.49 -2.77 -26.85
C SER A 172 35.08 -2.26 -25.57
N THR A 173 35.99 -1.31 -25.66
CA THR A 173 36.63 -0.76 -24.48
C THR A 173 36.44 0.72 -24.45
N ASN A 174 35.57 1.19 -25.30
CA ASN A 174 35.31 2.63 -25.44
C ASN A 174 34.04 2.92 -24.64
N THR A 175 34.21 3.32 -23.38
CA THR A 175 33.05 3.74 -22.59
C THR A 175 32.31 4.92 -23.22
N SER A 176 32.89 5.55 -24.26
CA SER A 176 32.28 6.70 -24.92
C SER A 176 31.78 6.33 -26.32
N ILE A 177 31.31 5.10 -26.51
CA ILE A 177 31.09 4.58 -27.86
C ILE A 177 29.87 5.25 -28.50
N SER A 178 29.96 5.55 -29.79
CA SER A 178 28.82 6.24 -30.38
C SER A 178 27.69 5.25 -30.64
N LEU A 179 26.46 5.77 -30.76
CA LEU A 179 25.35 4.89 -31.10
C LEU A 179 25.61 4.22 -32.44
N GLU A 180 26.08 4.99 -33.42
CA GLU A 180 26.54 4.43 -34.68
C GLU A 180 27.52 3.28 -34.43
N GLU A 181 28.64 3.58 -33.75
CA GLU A 181 29.71 2.61 -33.55
C GLU A 181 29.17 1.29 -33.02
N VAL A 182 28.32 1.35 -31.98
CA VAL A 182 27.83 0.11 -31.41
C VAL A 182 26.82 -0.55 -32.33
N THR A 183 25.94 0.24 -32.94
CA THR A 183 25.11 -0.26 -34.04
C THR A 183 25.96 -1.03 -35.04
N HIS A 184 27.10 -0.46 -35.43
CA HIS A 184 27.98 -1.10 -36.40
C HIS A 184 28.47 -2.46 -35.91
N LEU A 185 29.05 -2.52 -34.69
CA LEU A 185 29.53 -3.79 -34.16
C LEU A 185 28.40 -4.81 -34.07
N MET A 186 27.20 -4.37 -33.70
CA MET A 186 26.08 -5.31 -33.66
C MET A 186 25.79 -5.88 -35.03
N ARG A 187 25.78 -5.04 -36.07
CA ARG A 187 25.60 -5.56 -37.42
C ARG A 187 26.74 -6.48 -37.80
N LYS A 188 27.95 -5.93 -37.83
CA LYS A 188 29.11 -6.63 -38.37
C LYS A 188 29.36 -7.96 -37.66
N GLY A 189 29.04 -8.05 -36.37
CA GLY A 189 29.22 -9.27 -35.62
C GLY A 189 27.98 -10.08 -35.41
N ARG A 190 26.86 -9.71 -36.04
CA ARG A 190 25.56 -10.40 -35.96
C ARG A 190 25.22 -10.85 -34.53
N THR A 191 25.36 -9.94 -33.59
CA THR A 191 25.11 -10.18 -32.18
C THR A 191 24.13 -9.14 -31.64
N ALA A 192 23.44 -9.48 -30.57
CA ALA A 192 22.50 -8.53 -29.97
C ALA A 192 23.02 -7.88 -28.70
N ASN A 193 24.26 -8.19 -28.30
CA ASN A 193 24.83 -7.66 -27.06
C ASN A 193 26.29 -7.31 -27.28
N VAL A 194 26.64 -6.06 -26.97
CA VAL A 194 28.03 -5.61 -27.00
C VAL A 194 28.38 -5.08 -25.62
N PRO A 195 29.04 -5.89 -24.79
CA PRO A 195 29.51 -5.39 -23.50
C PRO A 195 30.72 -4.48 -23.67
N ILE A 196 30.85 -3.52 -22.77
CA ILE A 196 32.00 -2.63 -22.74
C ILE A 196 32.87 -3.01 -21.54
N VAL A 197 34.13 -3.32 -21.80
CA VAL A 197 35.02 -3.83 -20.76
C VAL A 197 36.20 -2.89 -20.57
N GLY A 198 36.88 -3.08 -19.42
CA GLY A 198 38.05 -2.32 -19.07
C GLY A 198 39.32 -2.87 -19.71
N GLN A 199 40.42 -2.11 -19.54
CA GLN A 199 41.71 -2.54 -20.09
C GLN A 199 42.09 -3.89 -19.52
N ASN A 200 41.75 -4.11 -18.25
CA ASN A 200 41.91 -5.40 -17.57
C ASN A 200 41.04 -6.48 -18.23
N GLY A 201 39.73 -6.27 -18.17
CA GLY A 201 38.77 -7.19 -18.75
C GLY A 201 37.50 -7.17 -17.93
N GLN A 202 37.41 -6.27 -16.96
CA GLN A 202 36.23 -6.19 -16.11
C GLN A 202 35.03 -5.71 -16.92
N LEU A 203 33.84 -6.08 -16.45
CA LEU A 203 32.59 -5.70 -17.09
C LEU A 203 32.21 -4.29 -16.65
N LEU A 204 32.35 -3.30 -17.54
CA LEU A 204 32.00 -1.92 -17.21
C LEU A 204 30.56 -1.59 -17.57
N TYR A 205 30.14 -1.92 -18.78
CA TYR A 205 28.81 -1.56 -19.27
C TYR A 205 28.30 -2.65 -20.21
N LEU A 206 26.99 -2.65 -20.45
CA LEU A 206 26.40 -3.54 -21.44
C LEU A 206 25.43 -2.74 -22.29
N VAL A 207 25.50 -2.93 -23.61
CA VAL A 207 24.61 -2.30 -24.57
C VAL A 207 23.84 -3.39 -25.28
N THR A 208 22.50 -3.32 -25.24
CA THR A 208 21.67 -4.34 -25.86
C THR A 208 21.03 -3.84 -27.15
N LEU A 209 20.77 -4.78 -28.06
CA LEU A 209 20.17 -4.42 -29.35
C LEU A 209 18.85 -3.72 -29.17
N SER A 210 18.09 -4.11 -28.15
CA SER A 210 16.75 -3.57 -27.99
C SER A 210 16.80 -2.06 -27.76
N ASP A 211 17.65 -1.62 -26.85
CA ASP A 211 17.82 -0.18 -26.66
C ASP A 211 18.27 0.48 -27.97
N VAL A 212 19.19 -0.16 -28.70
CA VAL A 212 19.61 0.42 -29.97
C VAL A 212 18.42 0.48 -30.92
N VAL A 213 17.51 -0.50 -30.85
CA VAL A 213 16.41 -0.46 -31.80
C VAL A 213 15.38 0.58 -31.38
N LYS A 214 15.22 0.81 -30.08
CA LYS A 214 14.39 1.92 -29.63
C LYS A 214 14.89 3.25 -30.19
N LEU A 215 16.13 3.62 -29.86
CA LEU A 215 16.65 4.93 -30.26
C LEU A 215 16.67 5.12 -31.77
N ARG A 216 16.67 4.03 -32.54
CA ARG A 216 16.57 4.15 -33.98
C ARG A 216 15.12 4.35 -34.42
N LYS A 217 14.17 3.79 -33.67
CA LYS A 217 12.75 4.06 -33.95
C LYS A 217 12.46 5.51 -33.56
N ASN A 218 11.83 5.74 -32.39
CA ASN A 218 11.20 7.01 -32.00
C ASN A 218 11.86 8.27 -32.58
N LYS A 219 11.84 8.43 -33.90
CA LYS A 219 12.56 9.52 -34.53
C LYS A 219 11.92 10.88 -34.26
N GLN A 220 10.72 10.89 -33.71
CA GLN A 220 10.01 12.11 -33.36
C GLN A 220 10.25 12.55 -31.92
N ALA A 221 11.09 11.86 -31.16
CA ALA A 221 11.21 12.11 -29.73
C ALA A 221 11.58 13.55 -29.44
N SER A 222 10.95 14.10 -28.40
CA SER A 222 11.27 15.45 -27.96
C SER A 222 12.60 15.43 -27.24
N LEU A 223 13.60 16.13 -27.77
CA LEU A 223 14.94 16.12 -27.20
C LEU A 223 15.40 17.51 -26.76
N ASP A 224 16.33 17.54 -25.79
CA ASP A 224 17.07 18.75 -25.48
C ASP A 224 18.38 18.75 -26.26
N SER A 225 19.23 19.76 -26.06
CA SER A 225 20.45 19.85 -26.86
C SER A 225 21.44 18.72 -26.59
N ARG A 226 21.37 18.06 -25.45
CA ARG A 226 22.24 16.94 -25.18
C ARG A 226 21.61 15.62 -25.54
N GLY A 227 20.54 15.61 -26.34
CA GLY A 227 19.93 14.37 -26.79
C GLY A 227 19.06 13.69 -25.78
N ARG A 228 18.70 14.36 -24.70
CA ARG A 228 17.84 13.78 -23.68
C ARG A 228 16.38 14.23 -23.84
N LEU A 229 15.48 13.44 -23.25
CA LEU A 229 14.06 13.74 -23.37
C LEU A 229 13.75 15.08 -22.73
N LEU A 230 12.94 15.88 -23.42
CA LEU A 230 12.31 17.04 -22.79
C LEU A 230 11.39 16.59 -21.67
N VAL A 231 11.40 17.33 -20.57
CA VAL A 231 10.35 17.15 -19.55
C VAL A 231 10.22 18.45 -18.80
N GLY A 232 8.98 18.84 -18.52
CA GLY A 232 8.69 19.97 -17.68
C GLY A 232 8.38 19.56 -16.25
N ALA A 233 8.38 20.56 -15.38
CA ALA A 233 7.99 20.33 -14.00
C ALA A 233 7.17 21.54 -13.51
N ALA A 234 6.31 21.28 -12.54
CA ALA A 234 5.35 22.26 -12.07
C ALA A 234 5.80 22.84 -10.74
N VAL A 235 5.57 24.15 -10.55
CA VAL A 235 5.70 24.81 -9.24
C VAL A 235 4.41 25.56 -8.92
N GLY A 236 4.28 25.99 -7.68
CA GLY A 236 3.23 26.91 -7.25
C GLY A 236 3.73 28.34 -7.11
N VAL A 237 3.14 29.12 -6.18
CA VAL A 237 3.48 30.54 -6.01
C VAL A 237 3.89 30.92 -4.58
N LYS A 238 4.26 29.96 -3.74
CA LYS A 238 4.72 30.26 -2.38
C LYS A 238 6.26 30.49 -2.30
N LYS A 239 6.71 30.99 -1.14
CA LYS A 239 8.11 31.36 -0.98
C LYS A 239 9.01 30.19 -1.33
N ASP A 240 8.57 28.98 -0.99
CA ASP A 240 9.37 27.78 -1.15
C ASP A 240 9.33 27.26 -2.59
N ASP A 241 8.28 27.54 -3.34
CA ASP A 241 8.32 27.17 -4.76
C ASP A 241 9.53 27.75 -5.50
N MET A 242 10.12 28.87 -5.03
CA MET A 242 11.36 29.35 -5.63
C MET A 242 12.49 28.35 -5.42
N ASN A 243 12.60 27.82 -4.20
CA ASN A 243 13.51 26.71 -3.96
C ASN A 243 13.22 25.59 -4.94
N ARG A 244 11.95 25.20 -5.03
CA ARG A 244 11.56 24.06 -5.85
C ARG A 244 11.98 24.26 -7.30
N ALA A 245 11.69 25.44 -7.86
CA ALA A 245 12.10 25.75 -9.20
C ALA A 245 13.62 25.60 -9.37
N ILE A 246 14.39 26.22 -8.44
CA ILE A 246 15.84 26.28 -8.59
C ILE A 246 16.38 24.90 -8.77
N ARG A 247 15.96 24.00 -7.88
CA ARG A 247 16.45 22.63 -7.91
C ARG A 247 15.90 21.86 -9.11
N LEU A 248 14.63 22.09 -9.48
CA LEU A 248 14.11 21.49 -10.71
C LEU A 248 14.94 21.89 -11.93
N VAL A 249 15.39 23.15 -12.03
CA VAL A 249 16.28 23.49 -13.14
C VAL A 249 17.60 22.75 -12.99
N GLU A 250 18.27 22.86 -11.83
CA GLU A 250 19.51 22.10 -11.67
C GLU A 250 19.29 20.60 -11.95
N ALA A 251 18.08 20.11 -11.73
CA ALA A 251 17.74 18.76 -12.13
C ALA A 251 17.70 18.57 -13.64
N GLY A 252 17.59 19.67 -14.41
CA GLY A 252 17.55 19.59 -15.85
C GLY A 252 16.18 19.80 -16.49
N ALA A 253 15.21 20.33 -15.75
CA ALA A 253 13.94 20.69 -16.35
C ALA A 253 14.13 21.63 -17.55
N ASP A 254 13.26 21.46 -18.54
CA ASP A 254 13.34 22.19 -19.78
C ASP A 254 12.41 23.39 -19.85
N VAL A 255 11.31 23.35 -19.08
CA VAL A 255 10.38 24.45 -18.85
C VAL A 255 9.82 24.27 -17.44
N LEU A 256 9.44 25.38 -16.80
CA LEU A 256 8.66 25.35 -15.57
C LEU A 256 7.25 25.82 -15.87
N VAL A 257 6.29 25.20 -15.22
CA VAL A 257 4.90 25.60 -15.36
C VAL A 257 4.39 26.05 -14.00
N VAL A 258 4.25 27.36 -13.82
CA VAL A 258 3.58 27.91 -12.66
C VAL A 258 2.10 27.59 -12.76
N ASP A 259 1.55 26.99 -11.72
CA ASP A 259 0.27 26.29 -11.88
C ASP A 259 -0.61 26.58 -10.66
N ILE A 260 -1.33 27.70 -10.69
CA ILE A 260 -2.35 27.86 -9.67
C ILE A 260 -3.71 27.92 -10.34
N ALA A 261 -4.73 27.65 -9.52
CA ALA A 261 -6.08 27.62 -10.00
C ALA A 261 -6.60 29.00 -10.36
N HIS A 262 -5.93 30.10 -9.94
CA HIS A 262 -6.35 31.46 -10.37
C HIS A 262 -5.11 32.24 -10.79
N GLY A 263 -4.65 32.00 -12.02
CA GLY A 263 -3.43 32.61 -12.50
C GLY A 263 -3.54 34.10 -12.74
N HIS A 264 -4.74 34.64 -12.92
CA HIS A 264 -4.85 36.08 -13.08
C HIS A 264 -4.78 36.74 -11.72
N SER A 265 -3.60 36.71 -11.12
CA SER A 265 -3.45 37.22 -9.77
C SER A 265 -2.05 37.75 -9.57
N ASP A 266 -1.90 38.67 -8.60
CA ASP A 266 -0.55 39.13 -8.25
C ASP A 266 0.34 37.97 -7.83
N LEU A 267 -0.18 37.04 -7.03
CA LEU A 267 0.57 35.84 -6.70
C LEU A 267 1.22 35.22 -7.94
N CYS A 268 0.39 34.85 -8.92
CA CYS A 268 0.92 34.25 -10.14
C CYS A 268 1.90 35.17 -10.85
N ILE A 269 1.45 36.40 -11.18
CA ILE A 269 2.33 37.35 -11.86
C ILE A 269 3.67 37.44 -11.13
N ASN A 270 3.62 37.67 -9.82
CA ASN A 270 4.84 37.92 -9.09
C ASN A 270 5.76 36.69 -9.15
N MET A 271 5.18 35.49 -9.13
CA MET A 271 5.96 34.27 -9.35
C MET A 271 6.67 34.28 -10.69
N VAL A 272 5.93 34.59 -11.77
CA VAL A 272 6.52 34.65 -13.10
C VAL A 272 7.62 35.71 -13.17
N LYS A 273 7.40 36.88 -12.57
CA LYS A 273 8.44 37.90 -12.59
C LYS A 273 9.68 37.46 -11.81
N ARG A 274 9.48 36.82 -10.67
CA ARG A 274 10.59 36.29 -9.87
C ARG A 274 11.48 35.48 -10.81
N LEU A 275 10.94 34.32 -11.22
CA LEU A 275 11.66 33.36 -12.04
C LEU A 275 12.36 34.01 -13.23
N LYS A 276 11.75 35.02 -13.85
CA LYS A 276 12.44 35.63 -14.97
C LYS A 276 13.65 36.43 -14.50
N GLY A 277 13.57 36.99 -13.31
CA GLY A 277 14.62 37.84 -12.82
C GLY A 277 15.74 37.16 -12.05
N ASP A 278 15.64 35.85 -11.82
CA ASP A 278 16.72 35.10 -11.21
C ASP A 278 17.46 34.32 -12.30
N PRO A 279 18.80 34.41 -12.34
CA PRO A 279 19.55 33.64 -13.33
C PRO A 279 19.46 32.15 -13.12
N ARG A 280 19.18 31.70 -11.89
CA ARG A 280 19.13 30.26 -11.66
C ARG A 280 17.88 29.64 -12.25
N THR A 281 16.91 30.46 -12.65
CA THR A 281 15.74 29.90 -13.30
C THR A 281 15.42 30.53 -14.63
N ALA A 282 15.91 31.75 -14.92
CA ALA A 282 15.51 32.39 -16.15
C ALA A 282 16.09 31.71 -17.39
N SER A 283 16.88 30.66 -17.19
CA SER A 283 17.49 29.96 -18.30
C SER A 283 16.53 29.02 -18.99
N VAL A 284 15.32 28.82 -18.45
CA VAL A 284 14.32 27.98 -19.08
C VAL A 284 13.01 28.74 -19.20
N ASP A 285 12.16 28.27 -20.12
CA ASP A 285 10.90 28.93 -20.39
C ASP A 285 9.97 28.81 -19.20
N ILE A 286 9.19 29.86 -18.98
CA ILE A 286 8.28 29.93 -17.85
C ILE A 286 6.87 29.92 -18.41
N ILE A 287 6.11 28.87 -18.12
CA ILE A 287 4.71 28.81 -18.51
C ILE A 287 3.86 29.12 -17.29
N ALA A 288 2.92 30.06 -17.46
CA ALA A 288 2.04 30.48 -16.38
C ALA A 288 0.59 30.16 -16.71
N GLY A 289 -0.14 29.77 -15.67
CA GLY A 289 -1.60 29.66 -15.70
C GLY A 289 -2.12 29.43 -14.29
N ASN A 290 -3.42 29.25 -14.17
CA ASN A 290 -4.36 29.12 -15.28
C ASN A 290 -5.11 30.43 -15.52
N ILE A 291 -5.42 30.74 -16.77
CA ILE A 291 -6.16 31.94 -17.08
C ILE A 291 -7.39 31.56 -17.92
N ALA A 292 -8.17 32.58 -18.31
CA ALA A 292 -9.42 32.33 -19.01
C ALA A 292 -10.07 33.61 -19.55
N SER A 293 -9.40 34.75 -19.42
CA SER A 293 -9.82 35.99 -20.07
C SER A 293 -8.70 36.48 -20.97
N ALA A 294 -9.07 37.33 -21.93
CA ALA A 294 -8.07 38.13 -22.64
C ALA A 294 -7.20 38.92 -21.65
N GLU A 295 -7.84 39.57 -20.67
CA GLU A 295 -7.11 40.42 -19.74
C GLU A 295 -6.00 39.65 -19.04
N ALA A 296 -6.31 38.43 -18.56
CA ALA A 296 -5.31 37.64 -17.85
C ALA A 296 -4.13 37.26 -18.74
N ALA A 297 -4.41 36.81 -19.97
CA ALA A 297 -3.37 36.63 -20.98
C ALA A 297 -2.46 37.85 -21.07
N GLU A 298 -3.05 39.02 -21.34
CA GLU A 298 -2.25 40.23 -21.45
C GLU A 298 -1.46 40.47 -20.18
N ALA A 299 -2.03 40.14 -19.03
CA ALA A 299 -1.33 40.40 -17.77
C ALA A 299 -0.10 39.50 -17.58
N LEU A 300 -0.21 38.20 -17.91
CA LEU A 300 0.91 37.29 -17.68
C LEU A 300 1.96 37.39 -18.76
N ILE A 301 1.56 37.68 -20.00
CA ILE A 301 2.56 38.00 -21.00
C ILE A 301 3.38 39.22 -20.56
N ASP A 302 2.72 40.25 -20.03
CA ASP A 302 3.48 41.39 -19.53
C ASP A 302 4.44 40.95 -18.43
N ALA A 303 3.98 40.08 -17.51
CA ALA A 303 4.87 39.58 -16.45
C ALA A 303 6.10 38.85 -16.99
N GLY A 304 6.04 38.31 -18.20
CA GLY A 304 7.22 37.73 -18.80
C GLY A 304 7.01 36.35 -19.36
N ALA A 305 5.79 35.83 -19.25
CA ALA A 305 5.54 34.41 -19.41
C ALA A 305 5.83 33.98 -20.85
N ASP A 306 6.49 32.83 -20.99
CA ASP A 306 6.85 32.30 -22.31
C ASP A 306 5.78 31.39 -22.88
N GLY A 307 4.82 30.94 -22.05
CA GLY A 307 3.64 30.26 -22.53
C GLY A 307 2.53 30.47 -21.51
N LEU A 308 1.28 30.38 -21.96
CA LEU A 308 0.13 30.48 -21.06
C LEU A 308 -0.60 29.16 -21.00
N LYS A 309 -1.14 28.82 -19.81
CA LYS A 309 -2.02 27.65 -19.63
C LYS A 309 -3.47 28.10 -19.42
N ILE A 310 -4.37 27.67 -20.32
CA ILE A 310 -5.75 28.15 -20.39
C ILE A 310 -6.70 27.19 -19.68
N GLY A 311 -7.52 27.72 -18.78
CA GLY A 311 -8.61 26.96 -18.23
C GLY A 311 -8.78 27.20 -16.75
N VAL A 312 -9.77 28.00 -16.36
CA VAL A 312 -10.23 28.08 -14.98
C VAL A 312 -11.54 27.29 -14.94
N GLY A 313 -11.49 26.03 -14.44
CA GLY A 313 -12.74 25.30 -14.27
C GLY A 313 -12.96 23.96 -14.97
N PRO A 314 -12.65 23.82 -16.26
CA PRO A 314 -13.14 22.64 -17.01
C PRO A 314 -12.44 21.35 -16.66
N GLY A 315 -11.40 21.36 -15.83
CA GLY A 315 -10.76 20.11 -15.44
C GLY A 315 -11.70 19.03 -14.93
N SER A 316 -11.49 17.78 -15.35
CA SER A 316 -12.33 16.65 -14.93
C SER A 316 -12.51 16.61 -13.43
N ILE A 317 -11.43 16.43 -12.70
CA ILE A 317 -11.51 16.38 -11.25
C ILE A 317 -11.20 17.77 -10.68
N ALA A 318 -11.33 18.82 -11.50
CA ALA A 318 -11.37 20.16 -10.95
C ALA A 318 -12.69 20.36 -10.22
N ILE A 319 -12.60 20.93 -9.02
CA ILE A 319 -13.79 21.20 -8.21
C ILE A 319 -13.95 22.70 -8.00
N THR A 320 -13.37 23.50 -8.90
CA THR A 320 -13.49 24.96 -8.82
C THR A 320 -14.95 25.39 -8.92
N ARG A 321 -15.64 24.94 -9.97
CA ARG A 321 -17.02 25.34 -10.25
C ARG A 321 -17.93 25.16 -9.05
N LEU A 322 -17.89 23.99 -8.42
CA LEU A 322 -18.77 23.76 -7.29
C LEU A 322 -18.36 24.57 -6.06
N VAL A 323 -17.07 24.56 -5.73
CA VAL A 323 -16.70 25.25 -4.50
C VAL A 323 -16.81 26.76 -4.65
N ALA A 324 -16.37 27.29 -5.79
CA ALA A 324 -16.25 28.73 -5.92
C ALA A 324 -17.26 29.35 -6.87
N GLY A 325 -17.82 28.58 -7.80
CA GLY A 325 -18.78 29.13 -8.75
C GLY A 325 -18.13 30.00 -9.81
N ALA A 326 -16.87 29.75 -10.11
CA ALA A 326 -16.13 30.57 -11.05
C ALA A 326 -15.62 29.70 -12.18
N GLY A 327 -15.44 30.32 -13.34
CA GLY A 327 -14.90 29.65 -14.50
C GLY A 327 -15.32 30.35 -15.77
N VAL A 328 -14.87 29.81 -16.89
CA VAL A 328 -15.31 30.26 -18.19
C VAL A 328 -15.40 29.01 -19.06
N PRO A 329 -16.48 28.77 -19.80
CA PRO A 329 -16.50 27.63 -20.72
C PRO A 329 -15.24 27.58 -21.59
N GLN A 330 -14.66 26.39 -21.72
CA GLN A 330 -13.29 26.28 -22.22
C GLN A 330 -13.11 26.81 -23.64
N LEU A 331 -14.04 26.53 -24.56
CA LEU A 331 -13.81 26.98 -25.93
C LEU A 331 -13.78 28.50 -26.01
N SER A 332 -14.69 29.17 -25.30
CA SER A 332 -14.67 30.62 -25.18
C SER A 332 -13.38 31.11 -24.54
N ALA A 333 -12.93 30.38 -23.50
CA ALA A 333 -11.68 30.73 -22.85
C ALA A 333 -10.54 30.76 -23.86
N VAL A 334 -10.39 29.68 -24.64
CA VAL A 334 -9.31 29.56 -25.60
C VAL A 334 -9.46 30.62 -26.70
N LEU A 335 -10.68 30.83 -27.20
CA LEU A 335 -10.86 31.85 -28.23
C LEU A 335 -10.42 33.23 -27.74
N ALA A 336 -10.65 33.52 -26.46
CA ALA A 336 -10.37 34.85 -25.92
C ALA A 336 -8.87 35.06 -25.70
N CYS A 337 -8.22 34.08 -25.09
CA CYS A 337 -6.84 34.21 -24.67
C CYS A 337 -5.89 34.15 -25.85
N THR A 338 -6.18 33.32 -26.85
CA THR A 338 -5.19 33.12 -27.89
C THR A 338 -5.20 34.25 -28.87
N ARG A 339 -6.34 34.91 -29.05
CA ARG A 339 -6.32 36.15 -29.80
C ARG A 339 -5.23 37.06 -29.24
N VAL A 340 -5.23 37.26 -27.93
CA VAL A 340 -4.19 38.02 -27.27
C VAL A 340 -2.83 37.38 -27.50
N ALA A 341 -2.72 36.07 -27.29
CA ALA A 341 -1.42 35.42 -27.25
C ALA A 341 -0.77 35.35 -28.63
N ARG A 342 -1.57 35.17 -29.70
CA ARG A 342 -1.03 35.20 -31.07
C ARG A 342 -0.49 36.59 -31.41
N ARG A 343 -1.14 37.64 -30.93
CA ARG A 343 -0.61 38.94 -31.30
C ARG A 343 0.69 39.26 -30.59
N ARG A 344 1.19 38.35 -29.74
CA ARG A 344 2.46 38.61 -29.06
C ARG A 344 3.42 37.43 -29.12
N GLY A 345 3.13 36.43 -29.94
CA GLY A 345 4.00 35.29 -30.06
C GLY A 345 4.11 34.40 -28.85
N VAL A 346 3.09 34.33 -28.01
CA VAL A 346 3.13 33.42 -26.87
C VAL A 346 2.20 32.21 -27.12
N PRO A 347 2.75 30.99 -27.14
CA PRO A 347 1.90 29.78 -27.24
C PRO A 347 0.93 29.61 -26.08
N CYS A 348 -0.21 28.95 -26.36
CA CYS A 348 -1.15 28.54 -25.30
C CYS A 348 -1.43 27.02 -25.21
N ILE A 349 -1.46 26.52 -23.97
CA ILE A 349 -1.92 25.16 -23.67
C ILE A 349 -3.39 25.23 -23.27
N ALA A 350 -4.23 24.53 -23.96
CA ALA A 350 -5.64 24.42 -23.58
C ALA A 350 -5.78 23.26 -22.58
N ASP A 351 -5.92 23.59 -21.29
CA ASP A 351 -5.95 22.61 -20.21
C ASP A 351 -7.38 22.34 -19.74
N GLY A 352 -7.80 21.09 -19.83
CA GLY A 352 -9.03 20.77 -19.15
C GLY A 352 -10.21 20.49 -20.06
N GLY A 353 -10.98 19.45 -19.71
CA GLY A 353 -12.25 19.16 -20.35
C GLY A 353 -12.20 18.34 -21.61
N LEU A 354 -11.04 17.83 -21.99
CA LEU A 354 -10.91 17.10 -23.23
C LEU A 354 -11.30 15.66 -22.99
N ARG A 355 -12.05 15.09 -23.94
CA ARG A 355 -12.56 13.75 -23.79
C ARG A 355 -12.41 12.90 -25.04
N THR A 356 -12.22 13.50 -26.20
CA THR A 356 -12.05 12.79 -27.45
C THR A 356 -11.07 13.53 -28.34
N SER A 357 -10.56 12.83 -29.34
CA SER A 357 -9.70 13.48 -30.32
C SER A 357 -10.42 14.64 -30.98
N GLY A 358 -11.74 14.54 -31.13
CA GLY A 358 -12.47 15.64 -31.73
C GLY A 358 -12.47 16.86 -30.83
N ASP A 359 -12.51 16.64 -29.52
CA ASP A 359 -12.26 17.75 -28.61
C ASP A 359 -10.89 18.37 -28.87
N ILE A 360 -9.85 17.55 -29.03
CA ILE A 360 -8.52 18.11 -29.34
C ILE A 360 -8.58 18.93 -30.63
N SER A 361 -9.26 18.41 -31.66
CA SER A 361 -9.46 19.16 -32.89
C SER A 361 -10.10 20.52 -32.61
N LYS A 362 -11.11 20.57 -31.76
CA LYS A 362 -11.79 21.83 -31.52
C LYS A 362 -10.89 22.79 -30.77
N ALA A 363 -10.07 22.25 -29.87
CA ALA A 363 -9.21 23.11 -29.07
C ALA A 363 -8.18 23.80 -29.96
N ILE A 364 -7.48 23.01 -30.80
CA ILE A 364 -6.51 23.62 -31.71
C ILE A 364 -7.20 24.57 -32.67
N GLY A 365 -8.35 24.15 -33.20
CA GLY A 365 -9.09 25.00 -34.13
C GLY A 365 -9.45 26.33 -33.51
N ALA A 366 -9.79 26.32 -32.21
CA ALA A 366 -10.14 27.54 -31.49
C ALA A 366 -8.94 28.40 -31.16
N GLY A 367 -7.73 27.94 -31.41
CA GLY A 367 -6.63 28.88 -31.31
C GLY A 367 -5.41 28.37 -30.59
N ALA A 368 -5.57 27.22 -29.93
CA ALA A 368 -4.58 26.70 -29.01
C ALA A 368 -3.41 26.05 -29.76
N ASP A 369 -2.24 26.05 -29.12
CA ASP A 369 -1.07 25.40 -29.68
C ASP A 369 -0.89 23.98 -29.16
N THR A 370 -1.31 23.72 -27.93
CA THR A 370 -1.07 22.40 -27.34
C THR A 370 -2.24 22.11 -26.42
N VAL A 371 -2.56 20.85 -26.20
CA VAL A 371 -3.62 20.49 -25.26
C VAL A 371 -3.03 19.69 -24.12
N MET A 372 -3.58 19.89 -22.93
CA MET A 372 -3.20 19.11 -21.77
C MET A 372 -4.28 18.08 -21.52
N LEU A 373 -3.86 16.85 -21.28
CA LEU A 373 -4.79 15.74 -21.11
C LEU A 373 -4.52 15.09 -19.76
N GLY A 374 -5.49 15.18 -18.87
CA GLY A 374 -5.37 14.50 -17.60
C GLY A 374 -6.18 13.23 -17.60
N ASN A 375 -7.51 13.38 -17.60
CA ASN A 375 -8.40 12.24 -17.49
C ASN A 375 -8.12 11.18 -18.57
N MET A 376 -7.95 11.60 -19.82
CA MET A 376 -7.77 10.63 -20.90
C MET A 376 -6.50 9.79 -20.75
N LEU A 377 -5.47 10.29 -20.06
CA LEU A 377 -4.24 9.53 -19.90
C LEU A 377 -4.17 8.76 -18.60
N ALA A 378 -4.90 9.20 -17.57
CA ALA A 378 -4.79 8.53 -16.29
C ALA A 378 -5.19 7.08 -16.44
N GLY A 379 -4.70 6.23 -15.54
CA GLY A 379 -5.00 4.82 -15.65
C GLY A 379 -4.28 4.08 -16.77
N THR A 380 -3.29 4.67 -17.41
CA THR A 380 -2.56 3.87 -18.39
C THR A 380 -1.36 3.20 -17.76
N ASP A 381 -0.77 2.26 -18.50
CA ASP A 381 0.43 1.55 -18.07
C ASP A 381 1.41 2.50 -17.42
N GLU A 382 1.75 3.57 -18.13
CA GLU A 382 2.81 4.50 -17.72
C GLU A 382 2.32 5.56 -16.75
N ALA A 383 1.02 5.61 -16.48
CA ALA A 383 0.52 6.49 -15.44
C ALA A 383 0.87 5.93 -14.06
N PRO A 384 0.95 6.77 -13.03
CA PRO A 384 1.29 6.23 -11.70
C PRO A 384 0.13 5.42 -11.15
N GLY A 385 0.37 4.76 -10.02
CA GLY A 385 -0.62 3.92 -9.38
C GLY A 385 -0.38 2.44 -9.65
N ARG A 386 -0.68 1.61 -8.65
CA ARG A 386 -0.37 0.18 -8.72
C ARG A 386 -1.52 -0.58 -9.39
N VAL A 387 -1.18 -1.58 -10.20
CA VAL A 387 -2.16 -2.40 -10.90
C VAL A 387 -2.60 -3.55 -9.99
N LEU A 388 -3.91 -3.74 -9.85
CA LEU A 388 -4.53 -4.79 -9.03
C LEU A 388 -5.79 -5.28 -9.73
N VAL A 389 -6.07 -6.59 -9.61
CA VAL A 389 -7.15 -7.23 -10.36
C VAL A 389 -8.37 -7.44 -9.47
N LYS A 390 -9.55 -7.14 -10.01
CA LYS A 390 -10.82 -7.33 -9.32
C LYS A 390 -11.90 -7.67 -10.34
N ASP A 391 -12.54 -8.83 -10.19
CA ASP A 391 -13.73 -9.22 -10.96
C ASP A 391 -13.41 -9.40 -12.46
N GLY A 392 -12.26 -9.98 -12.77
CA GLY A 392 -11.86 -10.15 -14.15
C GLY A 392 -11.56 -8.87 -14.89
N GLN A 393 -11.33 -7.77 -14.16
CA GLN A 393 -10.98 -6.47 -14.72
C GLN A 393 -9.79 -5.90 -13.94
N LYS A 394 -8.96 -5.12 -14.63
CA LYS A 394 -7.78 -4.51 -14.02
C LYS A 394 -8.06 -3.04 -13.70
N VAL A 395 -7.52 -2.55 -12.59
CA VAL A 395 -7.65 -1.17 -12.18
C VAL A 395 -6.27 -0.65 -11.71
N LYS A 396 -6.21 0.64 -11.39
CA LYS A 396 -5.01 1.22 -10.79
C LYS A 396 -5.39 1.94 -9.52
N ILE A 397 -4.52 1.87 -8.51
CA ILE A 397 -4.75 2.46 -7.19
C ILE A 397 -3.61 3.44 -6.91
N ILE A 398 -3.95 4.71 -6.70
CA ILE A 398 -2.97 5.79 -6.55
C ILE A 398 -3.08 6.31 -5.12
N ARG A 399 -2.13 5.91 -4.28
CA ARG A 399 -2.19 6.18 -2.84
C ARG A 399 -1.63 7.57 -2.53
N GLY A 400 -2.42 8.37 -1.80
CA GLY A 400 -2.03 9.72 -1.46
C GLY A 400 -2.15 10.67 -2.64
N MET A 401 -2.98 11.70 -2.53
CA MET A 401 -3.36 12.50 -3.69
C MET A 401 -3.41 13.98 -3.29
N ALA A 402 -4.07 14.80 -4.11
CA ALA A 402 -4.19 16.24 -3.87
C ALA A 402 -5.47 16.57 -3.10
N GLU A 431 -7.96 7.15 -0.97
CA GLU A 431 -7.44 7.29 -2.33
C GLU A 431 -8.27 6.47 -3.34
N GLY A 432 -8.07 6.70 -4.64
CA GLY A 432 -9.00 6.26 -5.66
C GLY A 432 -8.43 5.25 -6.65
N SER A 433 -9.33 4.73 -7.49
CA SER A 433 -9.06 3.59 -8.38
C SER A 433 -9.62 3.86 -9.77
N VAL A 434 -8.73 4.03 -10.76
CA VAL A 434 -9.09 4.27 -12.15
C VAL A 434 -8.93 2.96 -12.94
N ALA A 435 -9.67 2.86 -14.04
CA ALA A 435 -9.72 1.63 -14.84
C ALA A 435 -8.56 1.56 -15.83
N CYS A 436 -7.91 0.39 -15.91
CA CYS A 436 -6.69 0.25 -16.70
C CYS A 436 -6.96 0.45 -18.18
N LYS A 437 -6.20 1.35 -18.80
CA LYS A 437 -6.42 1.75 -20.19
C LYS A 437 -5.42 1.15 -21.16
N GLY A 438 -4.43 0.39 -20.69
CA GLY A 438 -3.39 -0.13 -21.56
C GLY A 438 -2.21 0.81 -21.64
N PRO A 439 -1.39 0.69 -22.67
CA PRO A 439 -0.26 1.61 -22.81
C PRO A 439 -0.62 2.91 -23.51
N VAL A 440 0.11 3.97 -23.16
CA VAL A 440 -0.30 5.30 -23.57
C VAL A 440 0.06 5.60 -25.02
N GLY A 441 1.11 4.99 -25.56
CA GLY A 441 1.56 5.24 -26.91
C GLY A 441 0.49 5.09 -27.98
N PRO A 442 -0.17 3.91 -28.05
CA PRO A 442 -1.33 3.78 -28.93
C PRO A 442 -2.42 4.83 -28.71
N ILE A 443 -2.76 5.15 -27.45
CA ILE A 443 -3.75 6.18 -27.19
C ILE A 443 -3.31 7.52 -27.77
N VAL A 444 -2.06 7.92 -27.50
CA VAL A 444 -1.57 9.20 -28.00
C VAL A 444 -1.57 9.21 -29.53
N ARG A 445 -1.30 8.06 -30.14
CA ARG A 445 -1.24 8.01 -31.61
C ARG A 445 -2.62 8.08 -32.24
N GLN A 446 -3.68 7.61 -31.56
CA GLN A 446 -5.00 7.81 -32.13
C GLN A 446 -5.40 9.28 -32.05
N LEU A 447 -5.25 9.88 -30.86
CA LEU A 447 -5.57 11.30 -30.68
C LEU A 447 -4.90 12.14 -31.76
N VAL A 448 -3.63 11.88 -32.05
CA VAL A 448 -2.98 12.64 -33.12
C VAL A 448 -3.64 12.31 -34.45
N GLY A 449 -3.96 11.03 -34.68
CA GLY A 449 -4.67 10.68 -35.89
C GLY A 449 -6.03 11.35 -35.97
N GLY A 450 -6.83 11.22 -34.90
CA GLY A 450 -8.07 11.96 -34.80
C GLY A 450 -7.91 13.42 -35.16
N LEU A 451 -6.92 14.07 -34.55
CA LEU A 451 -6.68 15.50 -34.79
C LEU A 451 -6.30 15.76 -36.26
N ARG A 452 -5.41 14.92 -36.81
CA ARG A 452 -5.05 15.07 -38.22
C ARG A 452 -6.30 14.98 -39.08
N SER A 453 -7.20 14.07 -38.71
CA SER A 453 -8.46 13.95 -39.40
C SER A 453 -9.25 15.25 -39.30
N GLY A 454 -9.33 15.84 -38.10
CA GLY A 454 -10.08 17.07 -37.94
C GLY A 454 -9.48 18.22 -38.72
N MET A 455 -8.16 18.29 -38.76
CA MET A 455 -7.49 19.28 -39.61
C MET A 455 -7.93 19.14 -41.06
N SER A 456 -8.18 17.90 -41.51
CA SER A 456 -8.55 17.72 -42.91
C SER A 456 -9.94 18.26 -43.17
N TYR A 457 -10.81 18.27 -42.15
CA TYR A 457 -12.08 18.95 -42.29
C TYR A 457 -11.90 20.47 -42.38
N SER A 458 -10.89 21.00 -41.70
CA SER A 458 -10.65 22.43 -41.75
C SER A 458 -9.86 22.83 -42.98
N GLY A 459 -9.43 21.86 -43.78
CA GLY A 459 -8.62 22.24 -44.93
C GLY A 459 -7.26 22.73 -44.49
N ALA A 460 -6.63 21.97 -43.58
CA ALA A 460 -5.47 22.47 -42.85
C ALA A 460 -4.36 21.46 -43.00
N LYS A 461 -3.23 21.91 -43.55
CA LYS A 461 -2.07 21.05 -43.71
C LYS A 461 -1.02 21.27 -42.60
N SER A 462 -1.26 22.21 -41.69
CA SER A 462 -0.35 22.50 -40.57
C SER A 462 -1.16 22.83 -39.32
N ILE A 463 -0.49 22.84 -38.16
CA ILE A 463 -1.20 23.21 -36.93
C ILE A 463 -1.67 24.64 -37.01
N GLU A 464 -0.81 25.55 -37.48
CA GLU A 464 -1.21 26.93 -37.59
C GLU A 464 -2.40 27.07 -38.54
N GLU A 465 -2.36 26.36 -39.67
CA GLU A 465 -3.49 26.42 -40.59
C GLU A 465 -4.78 26.05 -39.87
N MET A 466 -4.76 24.97 -39.09
CA MET A 466 -5.91 24.60 -38.27
C MET A 466 -6.38 25.78 -37.44
N GLN A 467 -5.45 26.56 -36.90
CA GLN A 467 -5.83 27.65 -36.03
C GLN A 467 -6.52 28.75 -36.81
N ARG A 468 -6.04 29.03 -38.00
CA ARG A 468 -6.53 30.20 -38.72
C ARG A 468 -7.79 29.90 -39.51
N ARG A 469 -7.92 28.66 -39.98
CA ARG A 469 -8.95 28.35 -40.96
C ARG A 469 -10.23 27.82 -40.36
N THR A 470 -10.15 27.23 -39.17
CA THR A 470 -11.30 26.54 -38.62
C THR A 470 -12.45 27.50 -38.42
N ARG A 471 -13.65 27.05 -38.77
CA ARG A 471 -14.91 27.73 -38.55
C ARG A 471 -15.80 26.80 -37.74
N PHE A 472 -16.47 27.36 -36.73
CA PHE A 472 -17.35 26.63 -35.83
C PHE A 472 -18.82 26.90 -36.11
N VAL A 473 -19.66 25.92 -35.77
CA VAL A 473 -21.11 26.05 -35.77
C VAL A 473 -21.60 25.53 -34.43
N ARG A 474 -22.64 26.16 -33.89
CA ARG A 474 -23.16 25.83 -32.58
C ARG A 474 -24.20 24.74 -32.68
N MET A 475 -24.25 23.91 -31.65
CA MET A 475 -25.30 22.91 -31.51
C MET A 475 -26.16 23.29 -30.33
N THR A 476 -27.46 23.04 -30.45
CA THR A 476 -28.36 22.92 -29.32
C THR A 476 -28.15 21.56 -28.65
N GLY A 477 -28.73 21.41 -27.47
CA GLY A 477 -28.60 20.14 -26.75
C GLY A 477 -29.02 18.98 -27.62
N ALA A 478 -30.12 19.15 -28.39
CA ALA A 478 -30.58 18.13 -29.32
C ALA A 478 -29.47 17.67 -30.25
N GLY A 479 -28.87 18.61 -30.97
CA GLY A 479 -27.84 18.28 -31.94
C GLY A 479 -26.66 17.51 -31.39
N LEU A 480 -26.41 17.64 -30.07
CA LEU A 480 -25.38 16.82 -29.43
C LEU A 480 -25.80 15.36 -29.34
N ARG A 481 -27.09 15.09 -29.10
CA ARG A 481 -27.54 13.69 -29.03
C ARG A 481 -27.33 12.96 -30.35
N GLU A 482 -27.42 13.68 -31.48
CA GLU A 482 -27.34 13.07 -32.80
C GLU A 482 -25.96 12.46 -33.10
N SER A 483 -24.90 12.90 -32.40
CA SER A 483 -23.54 12.36 -32.59
C SER A 483 -23.36 10.94 -31.97
N PHE B 3 -28.15 -51.06 -4.77
CA PHE B 3 -27.17 -50.02 -4.43
C PHE B 3 -26.73 -50.18 -2.96
N ASN B 4 -25.90 -51.18 -2.72
CA ASN B 4 -25.44 -51.51 -1.37
C ASN B 4 -24.38 -50.53 -0.90
N GLU B 5 -23.26 -50.44 -1.64
CA GLU B 5 -22.13 -49.61 -1.24
C GLU B 5 -22.54 -48.17 -0.95
N SER B 6 -23.66 -47.71 -1.52
CA SER B 6 -24.15 -46.35 -1.40
C SER B 6 -25.01 -46.12 -0.16
N ALA B 7 -24.80 -46.88 0.91
CA ALA B 7 -25.58 -46.68 2.13
C ALA B 7 -24.77 -47.15 3.34
N SER B 8 -23.59 -47.72 3.08
CA SER B 8 -22.64 -47.94 4.16
C SER B 8 -22.05 -46.62 4.66
N ILE B 9 -22.20 -45.56 3.88
CA ILE B 9 -21.51 -44.30 4.12
C ILE B 9 -22.25 -43.51 5.21
N PRO B 10 -21.58 -43.23 6.32
CA PRO B 10 -22.27 -42.57 7.44
C PRO B 10 -22.59 -41.12 7.12
N THR B 11 -23.60 -40.60 7.81
CA THR B 11 -24.00 -39.21 7.66
C THR B 11 -23.28 -38.36 8.70
N GLY B 12 -22.51 -37.38 8.23
CA GLY B 12 -21.77 -36.47 9.10
C GLY B 12 -22.54 -35.17 9.31
N LEU B 13 -22.44 -34.63 10.52
CA LEU B 13 -23.22 -33.47 10.90
C LEU B 13 -22.33 -32.26 11.13
N THR B 14 -22.78 -31.09 10.69
CA THR B 14 -22.13 -29.83 11.01
C THR B 14 -22.95 -29.07 12.04
N TYR B 15 -22.39 -27.94 12.51
CA TYR B 15 -23.04 -27.20 13.59
C TYR B 15 -24.47 -26.83 13.21
N ASP B 16 -24.69 -26.48 11.95
CA ASP B 16 -26.01 -26.03 11.51
C ASP B 16 -26.99 -27.17 11.33
N ASP B 17 -26.57 -28.40 11.60
CA ASP B 17 -27.45 -29.56 11.52
C ASP B 17 -28.21 -29.82 12.80
N VAL B 18 -27.80 -29.21 13.90
CA VAL B 18 -28.25 -29.64 15.22
C VAL B 18 -28.64 -28.43 16.05
N LEU B 19 -29.39 -28.69 17.11
CA LEU B 19 -29.65 -27.70 18.14
C LEU B 19 -29.42 -28.35 19.49
N ILE B 20 -29.18 -27.51 20.49
CA ILE B 20 -29.01 -27.97 21.85
C ILE B 20 -30.39 -28.17 22.47
N ILE B 21 -30.71 -29.40 22.84
CA ILE B 21 -31.98 -29.62 23.51
C ILE B 21 -31.93 -28.95 24.88
N PRO B 22 -33.00 -28.31 25.34
CA PRO B 22 -32.96 -27.68 26.66
C PRO B 22 -33.14 -28.71 27.77
N GLN B 23 -32.23 -28.67 28.74
CA GLN B 23 -32.23 -29.51 29.92
C GLN B 23 -32.54 -28.68 31.15
N HIS B 24 -32.99 -29.35 32.22
CA HIS B 24 -33.25 -28.66 33.47
C HIS B 24 -32.01 -27.89 33.93
N SER B 25 -32.20 -26.63 34.28
CA SER B 25 -31.10 -25.78 34.73
C SER B 25 -31.40 -25.32 36.16
N ARG B 26 -30.57 -25.78 37.10
CA ARG B 26 -30.61 -25.31 38.47
C ARG B 26 -29.96 -23.94 38.63
N VAL B 27 -29.39 -23.39 37.55
CA VAL B 27 -28.75 -22.08 37.62
C VAL B 27 -29.77 -21.03 38.05
N THR B 28 -29.38 -20.21 39.04
CA THR B 28 -30.20 -19.13 39.58
C THR B 28 -29.38 -17.86 39.70
N SER B 29 -28.70 -17.49 38.61
CA SER B 29 -27.85 -16.31 38.54
C SER B 29 -27.33 -16.12 37.11
N ARG B 30 -27.64 -14.97 36.51
CA ARG B 30 -27.24 -14.70 35.13
C ARG B 30 -25.73 -14.89 34.93
N LYS B 31 -24.94 -14.52 35.93
CA LYS B 31 -23.49 -14.69 35.93
C LYS B 31 -23.11 -15.56 37.13
N GLU B 32 -23.20 -16.87 36.93
CA GLU B 32 -22.69 -17.87 37.85
C GLU B 32 -22.01 -19.02 37.12
N VAL B 33 -22.22 -19.15 35.81
CA VAL B 33 -21.51 -20.13 34.99
C VAL B 33 -20.04 -19.74 34.88
N ASN B 34 -19.17 -20.73 34.99
CA ASN B 34 -17.73 -20.57 34.90
C ASN B 34 -17.30 -21.07 33.53
N THR B 35 -16.49 -20.28 32.82
CA THR B 35 -16.04 -20.67 31.48
C THR B 35 -14.55 -21.02 31.41
N THR B 36 -13.86 -21.15 32.54
CA THR B 36 -12.47 -21.58 32.46
C THR B 36 -12.38 -22.93 31.78
N THR B 37 -11.30 -23.14 31.04
CA THR B 37 -11.10 -24.35 30.25
C THR B 37 -9.61 -24.66 30.26
N ARG B 38 -9.16 -25.43 29.27
CA ARG B 38 -7.73 -25.63 29.08
C ARG B 38 -7.43 -25.57 27.59
N LEU B 39 -6.49 -24.70 27.21
CA LEU B 39 -6.08 -24.63 25.81
C LEU B 39 -5.29 -25.88 25.43
N SER B 40 -4.35 -26.27 26.28
CA SER B 40 -3.58 -27.50 26.11
C SER B 40 -3.46 -28.13 27.48
N ARG B 41 -2.52 -29.08 27.62
CA ARG B 41 -2.45 -29.87 28.85
C ARG B 41 -2.11 -29.01 30.07
N ASN B 42 -1.17 -28.06 29.90
CA ASN B 42 -0.72 -27.20 30.99
C ASN B 42 -1.02 -25.73 30.73
N VAL B 43 -2.11 -25.42 30.04
CA VAL B 43 -2.46 -24.02 29.76
C VAL B 43 -3.95 -23.81 29.95
N LYS B 44 -4.33 -23.16 31.05
CA LYS B 44 -5.72 -22.82 31.31
C LYS B 44 -6.04 -21.46 30.69
N LEU B 45 -7.29 -21.30 30.27
CA LEU B 45 -7.79 -20.02 29.80
C LEU B 45 -9.10 -19.71 30.50
N SER B 46 -9.36 -18.41 30.71
CA SER B 46 -10.58 -18.02 31.41
C SER B 46 -11.78 -17.98 30.49
N ILE B 47 -11.58 -17.60 29.23
CA ILE B 47 -12.61 -17.75 28.22
C ILE B 47 -12.08 -18.74 27.19
N PRO B 48 -12.94 -19.56 26.58
CA PRO B 48 -12.45 -20.60 25.67
C PRO B 48 -12.36 -20.16 24.22
N ILE B 49 -11.82 -18.99 23.94
CA ILE B 49 -11.78 -18.45 22.59
C ILE B 49 -10.32 -18.26 22.19
N VAL B 50 -9.98 -18.71 20.98
CA VAL B 50 -8.62 -18.70 20.47
C VAL B 50 -8.67 -17.97 19.14
N ALA B 51 -7.84 -16.94 18.98
CA ALA B 51 -7.81 -16.20 17.72
C ALA B 51 -6.94 -16.94 16.71
N SER B 52 -7.45 -17.07 15.48
CA SER B 52 -6.89 -18.01 14.51
C SER B 52 -5.56 -17.55 13.93
N ASN B 53 -4.68 -18.51 13.70
CA ASN B 53 -3.38 -18.24 13.08
C ASN B 53 -3.49 -17.96 11.60
N MET B 54 -4.50 -17.20 11.19
CA MET B 54 -4.63 -16.70 9.83
C MET B 54 -4.03 -15.30 9.74
N ASP B 55 -3.27 -15.04 8.67
CA ASP B 55 -2.60 -13.76 8.47
C ASP B 55 -3.56 -12.58 8.29
N THR B 56 -4.86 -12.84 8.25
CA THR B 56 -5.87 -11.79 8.27
C THR B 56 -6.49 -11.58 9.64
N VAL B 57 -6.02 -12.27 10.67
CA VAL B 57 -6.68 -12.23 11.98
C VAL B 57 -5.71 -11.84 13.09
N CYS B 58 -4.63 -12.60 13.28
CA CYS B 58 -3.90 -12.54 14.54
C CYS B 58 -2.43 -12.18 14.32
N GLU B 59 -2.07 -10.92 14.59
CA GLU B 59 -0.69 -10.51 14.81
C GLU B 59 -0.58 -9.94 16.23
N GLN B 60 0.22 -8.89 16.47
CA GLN B 60 0.44 -8.46 17.86
C GLN B 60 -0.80 -7.84 18.47
N ARG B 61 -1.49 -6.97 17.72
CA ARG B 61 -2.66 -6.30 18.29
C ARG B 61 -3.71 -7.32 18.68
N MET B 62 -4.04 -8.23 17.76
CA MET B 62 -5.00 -9.30 18.04
C MET B 62 -4.54 -10.17 19.20
N ALA B 63 -3.27 -10.58 19.19
CA ALA B 63 -2.72 -11.40 20.25
C ALA B 63 -2.87 -10.76 21.61
N VAL B 64 -2.58 -9.46 21.70
CA VAL B 64 -2.66 -8.78 22.98
C VAL B 64 -4.11 -8.67 23.44
N ALA B 65 -4.99 -8.27 22.52
CA ALA B 65 -6.41 -8.07 22.84
C ALA B 65 -7.02 -9.33 23.45
N MET B 66 -6.76 -10.48 22.83
CA MET B 66 -7.41 -11.72 23.26
C MET B 66 -6.80 -12.25 24.54
N ALA B 67 -5.50 -12.12 24.70
CA ALA B 67 -4.91 -12.43 26.00
C ALA B 67 -5.59 -11.61 27.10
N ARG B 68 -5.86 -10.33 26.81
CA ARG B 68 -6.43 -9.48 27.85
C ARG B 68 -7.86 -9.86 28.15
N GLU B 69 -8.64 -10.22 27.13
CA GLU B 69 -9.99 -10.69 27.38
C GLU B 69 -10.04 -12.03 28.11
N GLY B 70 -8.89 -12.62 28.42
CA GLY B 70 -8.83 -13.92 29.05
C GLY B 70 -8.74 -15.10 28.11
N GLY B 71 -8.46 -14.87 26.83
CA GLY B 71 -8.28 -15.94 25.87
C GLY B 71 -6.85 -15.96 25.39
N ILE B 72 -6.63 -16.20 24.09
CA ILE B 72 -5.29 -16.16 23.53
C ILE B 72 -5.39 -16.24 22.02
N GLY B 73 -4.41 -15.68 21.32
CA GLY B 73 -4.31 -15.87 19.89
C GLY B 73 -3.07 -16.68 19.56
N ILE B 74 -3.02 -17.26 18.37
CA ILE B 74 -1.87 -18.03 17.91
C ILE B 74 -1.35 -17.30 16.69
N LEU B 75 -0.16 -16.69 16.80
CA LEU B 75 0.32 -15.85 15.72
C LEU B 75 0.63 -16.68 14.48
N HIS B 76 0.11 -16.26 13.33
CA HIS B 76 0.30 -16.96 12.08
C HIS B 76 1.79 -17.07 11.73
N ARG B 77 2.09 -17.94 10.77
CA ARG B 77 3.45 -18.21 10.37
C ARG B 77 3.76 -17.75 8.95
N PHE B 78 2.84 -17.03 8.31
CA PHE B 78 3.02 -16.60 6.91
C PHE B 78 3.81 -15.29 6.86
N CYS B 79 5.03 -15.39 7.37
CA CYS B 79 5.98 -14.29 7.46
C CYS B 79 7.34 -14.90 7.79
N SER B 80 8.34 -14.03 7.91
CA SER B 80 9.68 -14.46 8.25
C SER B 80 9.71 -15.10 9.64
N ILE B 81 10.82 -15.76 9.96
CA ILE B 81 11.02 -16.20 11.34
C ILE B 81 11.30 -15.01 12.22
N GLU B 82 12.25 -14.17 11.81
CA GLU B 82 12.54 -12.95 12.55
C GLU B 82 11.25 -12.17 12.81
N GLU B 83 10.52 -11.85 11.74
CA GLU B 83 9.29 -11.06 11.85
C GLU B 83 8.28 -11.71 12.79
N GLN B 84 8.15 -13.04 12.75
CA GLN B 84 7.20 -13.69 13.64
C GLN B 84 7.59 -13.47 15.09
N CYS B 85 8.88 -13.60 15.42
CA CYS B 85 9.30 -13.34 16.78
C CYS B 85 9.32 -11.84 17.07
N ALA B 86 9.51 -11.00 16.06
CA ALA B 86 9.30 -9.57 16.22
C ALA B 86 7.93 -9.30 16.82
N MET B 87 6.89 -9.80 16.14
CA MET B 87 5.53 -9.79 16.68
C MET B 87 5.49 -10.35 18.09
N LEU B 88 6.14 -11.50 18.30
CA LEU B 88 6.03 -12.15 19.60
C LEU B 88 6.69 -11.31 20.70
N ARG B 89 7.92 -10.86 20.46
CA ARG B 89 8.62 -10.08 21.49
C ARG B 89 7.78 -8.86 21.90
N GLU B 90 7.01 -8.30 20.96
CA GLU B 90 6.18 -7.14 21.26
C GLU B 90 5.00 -7.51 22.16
N VAL B 91 4.39 -8.67 21.92
CA VAL B 91 3.29 -9.11 22.75
C VAL B 91 3.71 -9.20 24.22
N LYS B 92 4.95 -9.59 24.47
CA LYS B 92 5.37 -9.81 25.85
C LYS B 92 5.67 -8.50 26.56
N ARG B 93 6.02 -7.45 25.82
CA ARG B 93 6.20 -6.12 26.39
C ARG B 93 4.89 -5.37 26.58
N ALA B 94 3.78 -5.90 26.06
CA ALA B 94 2.55 -5.13 25.97
C ALA B 94 2.03 -4.69 27.34
N GLN B 95 2.16 -5.56 28.33
CA GLN B 95 1.64 -5.29 29.66
C GLN B 95 2.47 -4.43 30.59
N SER B 96 3.55 -3.88 30.08
CA SER B 96 4.37 -2.99 30.89
C SER B 96 3.65 -1.67 31.10
N PHE B 97 3.54 -1.28 32.37
CA PHE B 97 3.01 0.03 32.73
C PHE B 97 4.11 1.08 32.82
N LEU B 98 5.35 0.74 32.47
CA LEU B 98 6.39 1.75 32.36
C LEU B 98 6.45 2.26 30.92
N ILE B 99 6.79 3.54 30.79
CA ILE B 99 6.88 4.19 29.48
C ILE B 99 8.28 4.75 29.34
N GLU B 100 9.08 4.13 28.49
CA GLU B 100 10.31 4.76 28.03
C GLU B 100 9.95 5.84 27.02
N SER B 101 10.85 6.82 26.86
CA SER B 101 10.72 7.85 25.88
C SER B 101 9.33 8.50 25.86
N PRO B 102 8.92 9.11 26.97
CA PRO B 102 7.65 9.84 26.98
C PRO B 102 7.82 11.24 26.41
N ARG B 103 6.70 11.82 25.97
CA ARG B 103 6.74 13.08 25.22
C ARG B 103 7.24 14.22 26.10
N ILE B 104 8.38 14.79 25.72
CA ILE B 104 9.04 15.81 26.50
C ILE B 104 8.73 17.17 25.90
N ILE B 105 9.04 18.24 26.64
CA ILE B 105 8.94 19.62 26.13
C ILE B 105 9.78 20.51 27.04
N LEU B 106 10.32 21.71 26.44
CA LEU B 106 11.23 22.62 27.13
C LEU B 106 10.48 23.82 27.70
N PRO B 107 10.93 24.38 28.83
CA PRO B 107 10.07 25.34 29.57
C PRO B 107 9.72 26.60 28.82
N HIS B 108 10.49 26.96 27.80
CA HIS B 108 10.38 28.24 27.11
C HIS B 108 9.56 28.16 25.85
N GLU B 109 9.02 26.99 25.51
CA GLU B 109 8.16 26.91 24.34
C GLU B 109 6.76 27.42 24.70
N THR B 110 5.90 27.57 23.69
CA THR B 110 4.64 28.25 23.91
C THR B 110 3.49 27.27 23.97
N ALA B 111 2.35 27.79 24.45
CA ALA B 111 1.15 26.98 24.55
C ALA B 111 0.75 26.38 23.22
N ARG B 112 0.98 27.09 22.12
CA ARG B 112 0.65 26.54 20.80
C ARG B 112 1.48 25.28 20.54
N GLU B 113 2.76 25.34 20.89
CA GLU B 113 3.64 24.19 20.73
C GLU B 113 3.29 23.07 21.71
N ALA B 114 2.94 23.44 22.94
CA ALA B 114 2.47 22.44 23.90
C ALA B 114 1.27 21.68 23.33
N TRP B 115 0.29 22.38 22.79
CA TRP B 115 -0.85 21.71 22.18
C TRP B 115 -0.48 21.00 20.88
N GLU B 116 0.62 21.40 20.23
CA GLU B 116 1.13 20.60 19.11
C GLU B 116 1.60 19.22 19.60
N GLY B 117 2.60 19.21 20.49
CA GLY B 117 3.15 17.97 21.01
C GLY B 117 2.15 17.07 21.71
N LEU B 118 0.99 17.60 22.09
CA LEU B 118 -0.01 16.79 22.75
C LEU B 118 -0.79 15.90 21.78
N ASN B 119 -0.81 16.25 20.50
CA ASN B 119 -1.45 15.43 19.47
C ASN B 119 -0.44 14.93 18.45
N TRP B 120 0.81 14.71 18.89
CA TRP B 120 1.82 14.13 18.01
C TRP B 120 1.31 12.84 17.41
N LYS B 121 1.73 12.57 16.17
CA LYS B 121 1.19 11.47 15.38
C LYS B 121 1.61 10.09 15.92
N GLY B 122 2.03 10.02 17.18
CA GLY B 122 2.56 8.79 17.73
C GLY B 122 1.52 7.82 18.26
N ARG B 123 0.53 8.33 19.00
CA ARG B 123 -0.49 7.50 19.62
C ARG B 123 -1.87 8.05 19.28
N VAL B 124 -2.86 7.15 19.27
CA VAL B 124 -4.23 7.53 18.96
C VAL B 124 -4.82 8.29 20.13
N GLY B 125 -5.53 9.38 19.83
CA GLY B 125 -6.00 10.29 20.85
C GLY B 125 -4.96 11.25 21.37
N GLY B 126 -3.67 11.02 21.07
CA GLY B 126 -2.58 11.84 21.55
C GLY B 126 -1.97 11.31 22.84
N VAL B 127 -1.01 12.06 23.34
CA VAL B 127 -0.49 11.81 24.68
C VAL B 127 -1.38 12.56 25.68
N GLY B 128 -1.41 12.08 26.93
CA GLY B 128 -2.20 12.73 27.95
C GLY B 128 -1.54 13.92 28.62
N CYS B 129 -0.21 14.00 28.57
CA CYS B 129 0.52 15.10 29.18
C CYS B 129 1.83 15.26 28.44
N LEU B 130 2.58 16.28 28.84
CA LEU B 130 3.97 16.45 28.41
C LEU B 130 4.80 16.71 29.65
N LEU B 131 5.99 16.14 29.68
CA LEU B 131 6.91 16.37 30.79
C LEU B 131 7.82 17.53 30.42
N VAL B 132 7.84 18.56 31.25
CA VAL B 132 8.64 19.76 31.03
C VAL B 132 10.04 19.50 31.58
N VAL B 133 11.03 19.40 30.69
CA VAL B 133 12.40 19.09 31.05
C VAL B 133 13.30 20.26 30.69
N ASN B 134 14.46 20.32 31.34
CA ASN B 134 15.39 21.42 31.11
C ASN B 134 16.10 21.33 29.77
N CYS B 135 16.31 20.11 29.26
CA CYS B 135 17.10 19.88 28.05
C CYS B 135 16.70 18.52 27.46
N LYS B 136 16.63 18.44 26.13
CA LYS B 136 16.11 17.22 25.51
C LYS B 136 17.11 16.07 25.59
N ASN B 137 18.39 16.33 25.88
CA ASN B 137 19.34 15.24 26.11
C ASN B 137 19.55 14.95 27.59
N GLU B 138 19.54 15.98 28.44
CA GLU B 138 19.68 15.77 29.87
C GLU B 138 18.41 15.15 30.45
N ARG B 139 17.26 15.77 30.18
CA ARG B 139 15.93 15.30 30.59
C ARG B 139 15.75 15.39 32.11
N LYS B 140 16.15 16.51 32.71
CA LYS B 140 15.86 16.75 34.12
C LYS B 140 14.43 17.27 34.27
N LEU B 141 13.66 16.65 35.14
CA LEU B 141 12.23 16.95 35.28
C LEU B 141 12.02 18.32 35.92
N LEU B 142 11.40 19.23 35.17
CA LEU B 142 11.08 20.57 35.67
C LEU B 142 9.60 20.75 36.00
N GLY B 143 8.72 20.03 35.33
CA GLY B 143 7.31 20.13 35.60
C GLY B 143 6.52 19.18 34.73
N ILE B 144 5.21 19.37 34.74
CA ILE B 144 4.31 18.58 33.93
C ILE B 144 3.24 19.52 33.41
N ILE B 145 2.72 19.21 32.23
CA ILE B 145 1.70 20.07 31.63
C ILE B 145 0.61 19.18 31.03
N THR B 146 -0.61 19.36 31.49
CA THR B 146 -1.72 18.58 30.95
C THR B 146 -2.50 19.43 29.96
N ARG B 147 -3.48 18.80 29.32
CA ARG B 147 -4.34 19.53 28.39
C ARG B 147 -5.08 20.64 29.11
N HIS B 148 -5.49 20.40 30.36
CA HIS B 148 -6.18 21.43 31.14
C HIS B 148 -5.36 22.71 31.22
N ASP B 149 -4.09 22.58 31.64
CA ASP B 149 -3.26 23.76 31.91
C ASP B 149 -3.22 24.75 30.74
N LEU B 150 -3.67 24.36 29.55
CA LEU B 150 -3.57 25.22 28.38
C LEU B 150 -4.89 25.81 27.90
N LYS B 151 -6.04 25.39 28.45
CA LYS B 151 -7.33 25.82 27.93
C LYS B 151 -7.62 27.30 28.17
N LEU B 152 -6.80 28.01 28.97
CA LEU B 152 -7.08 29.40 29.26
C LEU B 152 -5.90 30.32 28.96
N ALA B 153 -4.92 29.86 28.18
CA ALA B 153 -3.71 30.59 27.94
C ALA B 153 -3.65 30.97 26.46
N ASP B 154 -2.90 32.03 26.16
CA ASP B 154 -2.75 32.49 24.79
C ASP B 154 -1.75 31.58 24.05
N GLU B 155 -1.97 31.45 22.73
CA GLU B 155 -1.15 30.58 21.89
C GLU B 155 0.35 30.80 22.16
N SER B 156 0.76 32.06 22.27
CA SER B 156 2.15 32.40 22.55
C SER B 156 2.28 32.77 24.03
N THR B 157 2.25 31.75 24.89
CA THR B 157 2.43 31.93 26.32
C THR B 157 3.41 30.89 26.83
N THR B 158 4.23 31.29 27.81
CA THR B 158 5.27 30.45 28.41
C THR B 158 4.83 29.16 29.03
N VAL B 159 5.28 28.04 28.50
CA VAL B 159 4.90 26.76 29.09
C VAL B 159 5.37 26.71 30.54
N GLU B 160 6.43 27.42 30.85
CA GLU B 160 6.94 27.42 32.20
C GLU B 160 5.99 28.01 33.22
N SER B 161 5.09 28.89 32.80
CA SER B 161 4.16 29.49 33.75
C SER B 161 2.96 28.59 34.02
N LEU B 162 2.39 27.97 32.96
CA LEU B 162 1.18 27.17 33.12
C LEU B 162 1.46 25.83 33.82
N MET B 163 2.65 25.29 33.64
CA MET B 163 2.97 23.96 34.13
C MET B 163 2.83 23.87 35.64
N THR B 164 2.52 22.67 36.11
CA THR B 164 2.67 22.34 37.52
C THR B 164 4.15 22.05 37.77
N PRO B 165 4.79 22.77 38.69
CA PRO B 165 6.23 22.57 38.91
C PRO B 165 6.54 21.23 39.55
N VAL B 166 7.77 20.79 39.33
CA VAL B 166 8.18 19.45 39.72
C VAL B 166 8.12 19.28 41.24
N ASP B 167 8.36 20.34 41.99
CA ASP B 167 8.28 20.22 43.43
C ASP B 167 6.86 19.94 43.86
N LYS B 168 5.91 20.43 43.10
CA LYS B 168 4.50 20.23 43.40
C LYS B 168 3.97 18.95 42.78
N MET B 169 4.85 18.09 42.25
CA MET B 169 4.46 16.86 41.58
C MET B 169 4.69 15.64 42.48
N VAL B 170 4.07 14.54 42.13
CA VAL B 170 4.28 13.31 42.83
C VAL B 170 5.29 12.55 42.02
N VAL B 171 6.48 12.38 42.55
CA VAL B 171 7.52 11.67 41.83
C VAL B 171 7.97 10.43 42.55
N SER B 172 8.63 9.53 41.84
CA SER B 172 9.14 8.32 42.44
C SER B 172 10.50 8.01 41.89
N THR B 173 11.36 7.48 42.73
CA THR B 173 12.72 7.15 42.32
C THR B 173 12.97 5.65 42.21
N ASN B 174 11.90 4.86 42.10
CA ASN B 174 11.98 3.40 42.24
C ASN B 174 11.63 2.75 40.91
N THR B 175 12.64 2.34 40.13
CA THR B 175 12.37 1.82 38.80
C THR B 175 11.64 0.48 38.83
N SER B 176 11.67 -0.23 39.95
CA SER B 176 10.99 -1.52 40.09
C SER B 176 9.69 -1.39 40.87
N ILE B 177 9.04 -0.24 40.81
CA ILE B 177 7.85 0.02 41.61
C ILE B 177 6.72 -0.93 41.19
N SER B 178 5.93 -1.36 42.17
CA SER B 178 4.78 -2.21 41.95
C SER B 178 3.75 -1.51 41.06
N LEU B 179 2.70 -2.26 40.73
CA LEU B 179 1.44 -1.61 40.37
C LEU B 179 0.66 -1.18 41.62
N GLU B 180 0.72 -1.96 42.70
CA GLU B 180 -0.02 -1.61 43.91
C GLU B 180 0.46 -0.27 44.46
N GLU B 181 1.78 -0.07 44.48
CA GLU B 181 2.38 1.13 45.07
C GLU B 181 2.12 2.35 44.20
N VAL B 182 2.22 2.20 42.87
CA VAL B 182 1.98 3.35 42.00
C VAL B 182 0.51 3.73 42.00
N THR B 183 -0.38 2.73 42.09
CA THR B 183 -1.79 3.03 42.30
C THR B 183 -1.97 3.82 43.59
N HIS B 184 -1.22 3.49 44.62
CA HIS B 184 -1.32 4.23 45.87
C HIS B 184 -0.85 5.67 45.70
N LEU B 185 0.29 5.87 45.02
CA LEU B 185 0.80 7.22 44.80
C LEU B 185 -0.18 8.04 43.96
N MET B 186 -0.82 7.43 42.97
CA MET B 186 -1.83 8.15 42.20
C MET B 186 -3.04 8.51 43.05
N ARG B 187 -3.54 7.56 43.85
CA ARG B 187 -4.67 7.84 44.72
C ARG B 187 -4.30 8.85 45.82
N LYS B 188 -3.11 8.71 46.42
CA LYS B 188 -2.71 9.57 47.54
C LYS B 188 -2.46 11.02 47.10
N GLY B 189 -1.97 11.23 45.88
CA GLY B 189 -1.70 12.54 45.35
C GLY B 189 -2.73 13.11 44.39
N ARG B 190 -3.91 12.49 44.29
CA ARG B 190 -4.99 12.94 43.41
C ARG B 190 -4.50 13.30 42.02
N THR B 191 -3.49 12.57 41.53
CA THR B 191 -2.90 12.80 40.23
C THR B 191 -3.05 11.58 39.32
N ALA B 192 -2.89 11.82 38.02
CA ALA B 192 -2.91 10.75 37.04
C ALA B 192 -1.58 10.57 36.34
N ASN B 193 -0.51 11.17 36.85
CA ASN B 193 0.81 10.95 36.26
C ASN B 193 1.86 10.82 37.36
N VAL B 194 2.57 9.70 37.37
CA VAL B 194 3.66 9.49 38.30
C VAL B 194 4.90 9.19 37.47
N PRO B 195 5.69 10.21 37.12
CA PRO B 195 6.99 9.96 36.49
C PRO B 195 8.01 9.38 37.46
N ILE B 196 8.98 8.68 36.89
CA ILE B 196 9.98 7.95 37.66
C ILE B 196 11.35 8.55 37.35
N VAL B 197 12.04 9.04 38.38
CA VAL B 197 13.25 9.83 38.18
C VAL B 197 14.45 9.17 38.84
N GLY B 198 15.60 9.32 38.20
CA GLY B 198 16.83 8.95 38.85
C GLY B 198 17.17 9.89 40.00
N GLN B 199 18.08 9.42 40.86
CA GLN B 199 18.54 10.26 41.97
C GLN B 199 19.03 11.61 41.44
N ASN B 200 19.77 11.58 40.32
CA ASN B 200 20.19 12.78 39.61
C ASN B 200 19.04 13.78 39.45
N GLY B 201 17.95 13.35 38.80
CA GLY B 201 16.81 14.20 38.49
C GLY B 201 16.21 13.87 37.13
N GLN B 202 16.78 12.86 36.48
CA GLN B 202 16.48 12.54 35.10
C GLN B 202 15.13 11.84 34.96
N LEU B 203 14.51 12.06 33.80
CA LEU B 203 13.22 11.45 33.47
C LEU B 203 13.49 10.07 32.88
N LEU B 204 13.38 9.03 33.69
CA LEU B 204 13.64 7.69 33.21
C LEU B 204 12.41 7.05 32.57
N TYR B 205 11.30 7.01 33.31
CA TYR B 205 10.04 6.45 32.84
C TYR B 205 8.90 7.42 33.15
N LEU B 206 7.72 7.09 32.60
CA LEU B 206 6.47 7.71 32.97
C LEU B 206 5.44 6.61 33.22
N VAL B 207 4.64 6.75 34.27
CA VAL B 207 3.47 5.91 34.51
C VAL B 207 2.23 6.79 34.49
N THR B 208 1.26 6.43 33.65
CA THR B 208 0.04 7.21 33.55
C THR B 208 -1.19 6.35 33.85
N LEU B 209 -2.24 7.03 34.34
CA LEU B 209 -3.42 6.37 34.90
C LEU B 209 -4.22 5.59 33.87
N SER B 210 -4.13 5.98 32.59
CA SER B 210 -4.78 5.19 31.54
C SER B 210 -4.34 3.74 31.60
N ASP B 211 -3.03 3.51 31.62
CA ASP B 211 -2.48 2.17 31.70
C ASP B 211 -2.86 1.50 33.01
N VAL B 212 -2.78 2.23 34.14
CA VAL B 212 -3.12 1.61 35.41
C VAL B 212 -4.57 1.16 35.42
N VAL B 213 -5.46 1.98 34.84
CA VAL B 213 -6.87 1.61 34.79
C VAL B 213 -7.06 0.39 33.89
N LYS B 214 -6.50 0.43 32.67
CA LYS B 214 -6.67 -0.68 31.72
C LYS B 214 -6.09 -1.98 32.25
N LEU B 215 -5.17 -1.95 33.20
CA LEU B 215 -4.59 -3.17 33.74
C LEU B 215 -5.36 -3.70 34.93
N ARG B 216 -5.95 -2.83 35.75
CA ARG B 216 -6.88 -3.29 36.77
C ARG B 216 -8.21 -3.73 36.16
N LYS B 217 -8.49 -3.33 34.92
CA LYS B 217 -9.76 -3.70 34.29
C LYS B 217 -9.72 -5.15 33.82
N ASN B 218 -8.97 -5.42 32.75
CA ASN B 218 -8.81 -6.77 32.20
C ASN B 218 -8.30 -7.72 33.28
N LYS B 219 -9.20 -8.14 34.18
CA LYS B 219 -8.86 -8.90 35.38
C LYS B 219 -8.88 -10.40 35.18
N GLN B 220 -9.55 -10.90 34.13
CA GLN B 220 -9.50 -12.30 33.77
C GLN B 220 -8.34 -12.61 32.83
N ALA B 221 -7.43 -11.66 32.65
CA ALA B 221 -6.42 -11.75 31.60
C ALA B 221 -5.55 -12.98 31.76
N SER B 222 -5.28 -13.65 30.65
CA SER B 222 -4.44 -14.84 30.64
C SER B 222 -2.98 -14.42 30.61
N LEU B 223 -2.26 -14.66 31.71
CA LEU B 223 -0.86 -14.27 31.87
C LEU B 223 0.03 -15.49 32.03
N ASP B 224 1.34 -15.28 31.81
CA ASP B 224 2.30 -16.34 32.06
C ASP B 224 2.86 -16.20 33.49
N SER B 225 3.85 -17.02 33.84
CA SER B 225 4.39 -16.98 35.20
C SER B 225 5.03 -15.62 35.50
N ARG B 226 5.77 -15.06 34.55
CA ARG B 226 6.48 -13.80 34.78
C ARG B 226 5.57 -12.56 34.66
N GLY B 227 4.25 -12.73 34.59
CA GLY B 227 3.32 -11.61 34.50
C GLY B 227 3.02 -11.11 33.09
N ARG B 228 3.72 -11.59 32.07
CA ARG B 228 3.50 -11.18 30.69
C ARG B 228 2.23 -11.85 30.13
N LEU B 229 1.77 -11.35 28.98
CA LEU B 229 0.56 -11.89 28.36
C LEU B 229 0.85 -13.19 27.61
N LEU B 230 -0.04 -14.18 27.77
CA LEU B 230 0.11 -15.44 27.04
C LEU B 230 0.00 -15.22 25.54
N VAL B 231 0.66 -16.08 24.78
CA VAL B 231 0.61 -15.99 23.33
C VAL B 231 1.14 -17.29 22.75
N GLY B 232 0.51 -17.74 21.66
CA GLY B 232 0.97 -18.92 20.95
C GLY B 232 1.53 -18.63 19.57
N ALA B 233 2.29 -19.56 19.01
CA ALA B 233 2.84 -19.40 17.68
C ALA B 233 2.65 -20.68 16.88
N ALA B 234 2.49 -20.52 15.57
CA ALA B 234 2.21 -21.62 14.67
C ALA B 234 3.43 -21.90 13.79
N VAL B 235 3.72 -23.19 13.58
CA VAL B 235 4.83 -23.63 12.75
C VAL B 235 4.35 -24.72 11.80
N GLY B 236 5.17 -24.98 10.77
CA GLY B 236 4.90 -26.02 9.79
C GLY B 236 5.53 -27.34 10.16
N VAL B 237 5.91 -28.13 9.14
CA VAL B 237 6.50 -29.44 9.37
C VAL B 237 7.78 -29.64 8.55
N LYS B 238 8.27 -28.58 7.92
CA LYS B 238 9.40 -28.69 7.00
C LYS B 238 10.72 -28.66 7.79
N LYS B 239 11.83 -28.54 7.06
CA LYS B 239 13.15 -28.53 7.70
C LYS B 239 13.38 -27.23 8.47
N ASP B 240 13.22 -26.09 7.79
CA ASP B 240 13.39 -24.79 8.42
C ASP B 240 12.36 -24.50 9.50
N ASP B 241 11.38 -25.37 9.69
CA ASP B 241 10.34 -25.14 10.67
C ASP B 241 10.80 -25.49 12.08
N MET B 242 11.76 -26.40 12.20
CA MET B 242 12.35 -26.65 13.50
C MET B 242 13.20 -25.47 13.94
N ASN B 243 13.87 -24.81 12.99
CA ASN B 243 14.57 -23.57 13.31
C ASN B 243 13.60 -22.51 13.81
N ARG B 244 12.47 -22.35 13.10
CA ARG B 244 11.44 -21.39 13.51
C ARG B 244 10.93 -21.69 14.91
N ALA B 245 10.80 -22.98 15.25
CA ALA B 245 10.25 -23.36 16.54
C ALA B 245 11.21 -23.05 17.69
N ILE B 246 12.52 -23.11 17.44
CA ILE B 246 13.48 -22.76 18.49
C ILE B 246 13.49 -21.25 18.73
N ARG B 247 13.60 -20.47 17.64
CA ARG B 247 13.59 -19.02 17.76
C ARG B 247 12.29 -18.49 18.35
N LEU B 248 11.20 -19.26 18.27
CA LEU B 248 9.92 -18.79 18.79
C LEU B 248 9.80 -19.02 20.28
N VAL B 249 10.35 -20.11 20.80
CA VAL B 249 10.33 -20.28 22.24
C VAL B 249 11.34 -19.34 22.88
N GLU B 250 12.39 -18.97 22.14
CA GLU B 250 13.30 -17.94 22.61
C GLU B 250 12.55 -16.64 22.85
N ALA B 251 11.83 -16.14 21.83
CA ALA B 251 11.11 -14.87 21.97
C ALA B 251 10.08 -14.90 23.09
N GLY B 252 9.52 -16.07 23.40
CA GLY B 252 8.67 -16.17 24.57
C GLY B 252 7.37 -16.91 24.37
N ALA B 253 7.27 -17.68 23.28
CA ALA B 253 6.06 -18.44 23.03
C ALA B 253 5.77 -19.36 24.21
N ASP B 254 4.49 -19.41 24.56
CA ASP B 254 3.96 -20.20 25.67
C ASP B 254 3.47 -21.57 25.24
N VAL B 255 2.97 -21.65 24.01
CA VAL B 255 2.67 -22.91 23.34
C VAL B 255 3.05 -22.77 21.88
N LEU B 256 3.38 -23.89 21.24
CA LEU B 256 3.61 -23.97 19.80
C LEU B 256 2.51 -24.83 19.18
N VAL B 257 1.97 -24.38 18.05
CA VAL B 257 0.93 -25.09 17.31
C VAL B 257 1.51 -25.52 15.98
N VAL B 258 1.57 -26.82 15.74
CA VAL B 258 1.92 -27.31 14.41
C VAL B 258 0.63 -27.43 13.62
N ASP B 259 0.59 -26.81 12.44
CA ASP B 259 -0.63 -26.57 11.70
C ASP B 259 -0.38 -26.94 10.24
N ILE B 260 -0.65 -28.19 9.89
CA ILE B 260 -0.65 -28.63 8.51
C ILE B 260 -2.11 -28.89 8.10
N ALA B 261 -2.36 -28.84 6.80
CA ALA B 261 -3.72 -29.08 6.32
C ALA B 261 -4.21 -30.47 6.70
N HIS B 262 -3.38 -31.48 6.48
CA HIS B 262 -3.68 -32.85 6.83
C HIS B 262 -2.85 -33.24 8.05
N GLY B 263 -3.44 -33.15 9.24
CA GLY B 263 -2.68 -33.41 10.44
C GLY B 263 -2.38 -34.87 10.67
N HIS B 264 -3.14 -35.76 10.05
CA HIS B 264 -2.98 -37.20 10.20
C HIS B 264 -1.95 -37.71 9.19
N SER B 265 -0.74 -37.19 9.32
CA SER B 265 0.34 -37.47 8.39
C SER B 265 1.54 -37.98 9.17
N ASP B 266 2.54 -38.48 8.43
CA ASP B 266 3.80 -38.77 9.11
C ASP B 266 4.60 -37.51 9.38
N LEU B 267 4.55 -36.54 8.45
CA LEU B 267 5.27 -35.28 8.63
C LEU B 267 4.90 -34.60 9.95
N CYS B 268 3.62 -34.65 10.31
CA CYS B 268 3.16 -34.02 11.55
C CYS B 268 3.57 -34.86 12.75
N ILE B 269 3.20 -36.15 12.74
CA ILE B 269 3.61 -37.06 13.82
C ILE B 269 5.10 -36.94 14.08
N ASN B 270 5.87 -36.98 13.02
CA ASN B 270 7.30 -36.88 13.18
C ASN B 270 7.69 -35.56 13.79
N MET B 271 7.03 -34.51 13.39
CA MET B 271 7.34 -33.21 13.94
C MET B 271 6.98 -33.08 15.39
N VAL B 272 5.84 -33.60 15.78
CA VAL B 272 5.43 -33.49 17.17
C VAL B 272 6.41 -34.24 18.02
N LYS B 273 6.80 -35.41 17.56
CA LYS B 273 7.76 -36.23 18.26
C LYS B 273 9.07 -35.46 18.37
N ARG B 274 9.43 -34.80 17.29
CA ARG B 274 10.65 -34.00 17.28
C ARG B 274 10.58 -32.89 18.33
N LEU B 275 9.51 -32.09 18.28
CA LEU B 275 9.38 -30.94 19.18
C LEU B 275 9.36 -31.37 20.65
N LYS B 276 8.62 -32.44 20.97
CA LYS B 276 8.62 -32.92 22.35
C LYS B 276 9.94 -33.57 22.74
N GLY B 277 10.79 -33.92 21.78
CA GLY B 277 12.05 -34.58 22.04
C GLY B 277 13.19 -33.64 22.41
N ASP B 278 13.55 -32.77 21.47
CA ASP B 278 14.60 -31.76 21.67
C ASP B 278 14.32 -30.96 22.95
N PRO B 279 15.33 -30.64 23.75
CA PRO B 279 15.09 -29.89 24.99
C PRO B 279 14.89 -28.39 24.80
N ARG B 280 15.23 -27.83 23.63
CA ARG B 280 15.01 -26.41 23.39
C ARG B 280 13.55 -26.09 23.16
N THR B 281 12.71 -27.08 22.84
CA THR B 281 11.31 -26.84 22.55
C THR B 281 10.34 -27.59 23.44
N ALA B 282 10.78 -28.59 24.20
CA ALA B 282 9.85 -29.32 25.06
C ALA B 282 9.45 -28.52 26.30
N SER B 283 9.94 -27.29 26.45
CA SER B 283 9.60 -26.43 27.57
C SER B 283 8.20 -25.84 27.48
N VAL B 284 7.57 -25.90 26.30
CA VAL B 284 6.24 -25.37 26.06
C VAL B 284 5.36 -26.50 25.56
N ASP B 285 4.06 -26.33 25.72
CA ASP B 285 3.13 -27.35 25.25
C ASP B 285 3.11 -27.37 23.73
N ILE B 286 2.84 -28.55 23.16
CA ILE B 286 2.84 -28.73 21.71
C ILE B 286 1.45 -29.15 21.28
N ILE B 287 0.83 -28.32 20.42
CA ILE B 287 -0.52 -28.52 19.89
C ILE B 287 -0.39 -28.96 18.43
N ALA B 288 -1.17 -29.97 18.05
CA ALA B 288 -1.09 -30.52 16.70
C ALA B 288 -2.45 -30.51 16.03
N GLY B 289 -2.42 -30.37 14.70
CA GLY B 289 -3.62 -30.39 13.88
C GLY B 289 -3.23 -30.16 12.44
N ASN B 290 -4.22 -30.23 11.54
CA ASN B 290 -5.62 -30.47 11.89
C ASN B 290 -6.00 -31.91 11.59
N ILE B 291 -6.92 -32.44 12.40
CA ILE B 291 -7.34 -33.82 12.31
C ILE B 291 -8.85 -33.88 12.39
N ALA B 292 -9.42 -34.97 11.87
CA ALA B 292 -10.87 -35.08 11.85
C ALA B 292 -11.40 -36.46 12.19
N SER B 293 -10.56 -37.46 12.40
CA SER B 293 -10.97 -38.83 12.70
C SER B 293 -10.54 -39.17 14.11
N ALA B 294 -11.25 -40.12 14.72
CA ALA B 294 -10.79 -40.64 16.02
C ALA B 294 -9.43 -41.28 15.88
N GLU B 295 -9.19 -41.97 14.76
CA GLU B 295 -7.88 -42.58 14.51
C GLU B 295 -6.78 -41.51 14.51
N ALA B 296 -7.06 -40.37 13.94
CA ALA B 296 -6.07 -39.33 13.92
C ALA B 296 -5.73 -38.87 15.32
N ALA B 297 -6.72 -38.82 16.18
CA ALA B 297 -6.48 -38.36 17.53
C ALA B 297 -5.54 -39.22 18.31
N GLU B 298 -5.73 -40.53 18.25
CA GLU B 298 -4.88 -41.41 19.00
C GLU B 298 -3.48 -41.28 18.50
N ALA B 299 -3.35 -41.19 17.20
CA ALA B 299 -2.05 -41.14 16.61
C ALA B 299 -1.24 -39.98 17.04
N LEU B 300 -1.87 -38.83 17.22
CA LEU B 300 -1.12 -37.64 17.55
C LEU B 300 -0.87 -37.47 19.04
N ILE B 301 -1.81 -37.88 19.90
CA ILE B 301 -1.51 -37.95 21.32
C ILE B 301 -0.35 -38.92 21.57
N ASP B 302 -0.44 -40.11 20.95
CA ASP B 302 0.65 -41.07 20.95
C ASP B 302 1.97 -40.39 20.56
N ALA B 303 1.94 -39.61 19.48
CA ALA B 303 3.15 -38.90 19.06
C ALA B 303 3.58 -37.82 20.06
N GLY B 304 2.98 -37.74 21.24
CA GLY B 304 3.45 -36.87 22.30
C GLY B 304 2.78 -35.51 22.40
N ALA B 305 1.61 -35.35 21.79
CA ALA B 305 1.00 -34.02 21.69
C ALA B 305 0.22 -33.67 22.96
N ASP B 306 0.21 -32.38 23.29
CA ASP B 306 -0.47 -31.85 24.47
C ASP B 306 -1.75 -31.11 24.12
N GLY B 307 -2.04 -30.94 22.84
CA GLY B 307 -3.27 -30.33 22.40
C GLY B 307 -3.54 -30.66 20.94
N LEU B 308 -4.80 -30.95 20.64
CA LEU B 308 -5.23 -31.28 19.29
C LEU B 308 -6.05 -30.13 18.72
N LYS B 309 -5.85 -29.83 17.44
CA LYS B 309 -6.67 -28.87 16.71
C LYS B 309 -7.50 -29.63 15.69
N ILE B 310 -8.83 -29.51 15.81
CA ILE B 310 -9.78 -30.34 15.08
C ILE B 310 -10.32 -29.58 13.86
N GLY B 311 -10.19 -30.18 12.69
CA GLY B 311 -10.92 -29.70 11.53
C GLY B 311 -10.15 -29.76 10.24
N VAL B 312 -10.40 -30.78 9.43
CA VAL B 312 -9.85 -30.88 8.08
C VAL B 312 -10.91 -30.31 7.15
N GLY B 313 -10.77 -29.03 6.81
CA GLY B 313 -11.62 -28.39 5.82
C GLY B 313 -13.05 -28.13 6.23
N PRO B 314 -13.27 -27.20 7.17
CA PRO B 314 -14.61 -26.61 7.32
C PRO B 314 -14.56 -25.09 7.39
N GLY B 315 -13.39 -24.49 7.09
CA GLY B 315 -13.18 -23.07 7.38
C GLY B 315 -13.83 -22.13 6.38
N SER B 316 -13.84 -20.84 6.75
CA SER B 316 -14.37 -19.83 5.85
C SER B 316 -13.60 -19.81 4.52
N ILE B 317 -12.32 -20.20 4.55
CA ILE B 317 -11.51 -20.32 3.34
C ILE B 317 -10.99 -21.75 3.22
N ALA B 318 -11.88 -22.73 3.39
CA ALA B 318 -11.56 -24.13 3.16
C ALA B 318 -11.72 -24.42 1.67
N ILE B 319 -10.72 -23.96 0.91
CA ILE B 319 -10.55 -24.39 -0.48
C ILE B 319 -10.30 -25.90 -0.54
N THR B 320 -10.04 -26.53 0.61
CA THR B 320 -9.73 -27.95 0.68
C THR B 320 -10.80 -28.81 0.00
N ARG B 321 -12.07 -28.57 0.34
CA ARG B 321 -13.15 -29.42 -0.16
C ARG B 321 -13.37 -29.25 -1.65
N LEU B 322 -13.08 -28.08 -2.20
CA LEU B 322 -13.25 -27.91 -3.64
C LEU B 322 -12.04 -28.46 -4.41
N VAL B 323 -10.85 -28.38 -3.83
CA VAL B 323 -9.66 -28.84 -4.55
C VAL B 323 -9.40 -30.32 -4.31
N ALA B 324 -9.44 -30.77 -3.05
CA ALA B 324 -9.18 -32.17 -2.75
C ALA B 324 -10.44 -33.00 -2.56
N GLY B 325 -11.57 -32.36 -2.23
CA GLY B 325 -12.77 -33.13 -1.94
C GLY B 325 -12.74 -33.84 -0.60
N ALA B 326 -11.80 -33.53 0.26
CA ALA B 326 -11.70 -34.14 1.57
C ALA B 326 -12.31 -33.26 2.64
N GLY B 327 -12.66 -33.89 3.75
CA GLY B 327 -13.15 -33.17 4.90
C GLY B 327 -14.11 -34.02 5.69
N VAL B 328 -14.52 -33.47 6.82
CA VAL B 328 -15.53 -34.07 7.69
C VAL B 328 -16.43 -32.93 8.14
N PRO B 329 -17.75 -33.09 8.12
CA PRO B 329 -18.61 -32.14 8.83
C PRO B 329 -18.17 -31.96 10.28
N GLN B 330 -18.01 -30.69 10.68
CA GLN B 330 -17.22 -30.35 11.86
C GLN B 330 -17.84 -30.80 13.18
N LEU B 331 -19.16 -31.00 13.26
CA LEU B 331 -19.71 -31.43 14.54
C LEU B 331 -19.32 -32.88 14.83
N SER B 332 -19.47 -33.75 13.82
CA SER B 332 -19.03 -35.12 13.98
C SER B 332 -17.54 -35.18 14.29
N ALA B 333 -16.74 -34.42 13.54
CA ALA B 333 -15.31 -34.40 13.76
C ALA B 333 -14.97 -34.06 15.21
N VAL B 334 -15.70 -33.12 15.81
CA VAL B 334 -15.48 -32.79 17.22
C VAL B 334 -15.99 -33.92 18.12
N LEU B 335 -17.18 -34.44 17.82
CA LEU B 335 -17.71 -35.54 18.61
C LEU B 335 -16.75 -36.72 18.62
N ALA B 336 -16.23 -37.10 17.45
CA ALA B 336 -15.39 -38.29 17.37
C ALA B 336 -14.02 -38.02 17.97
N CYS B 337 -13.46 -36.83 17.74
CA CYS B 337 -12.10 -36.55 18.17
C CYS B 337 -12.04 -36.22 19.66
N THR B 338 -13.11 -35.69 20.25
CA THR B 338 -13.03 -35.43 21.68
C THR B 338 -13.27 -36.69 22.51
N ARG B 339 -14.05 -37.66 22.01
CA ARG B 339 -14.23 -38.91 22.76
C ARG B 339 -12.87 -39.57 23.03
N VAL B 340 -11.96 -39.54 22.06
CA VAL B 340 -10.63 -40.06 22.29
C VAL B 340 -9.85 -39.15 23.21
N ALA B 341 -9.67 -37.89 22.82
CA ALA B 341 -8.72 -37.01 23.51
C ALA B 341 -9.16 -36.66 24.92
N ARG B 342 -10.46 -36.73 25.21
CA ARG B 342 -10.90 -36.57 26.59
C ARG B 342 -10.34 -37.67 27.48
N ARG B 343 -10.53 -38.93 27.07
CA ARG B 343 -10.08 -40.10 27.83
C ARG B 343 -8.59 -40.06 28.11
N ARG B 344 -7.81 -39.36 27.29
CA ARG B 344 -6.38 -39.20 27.51
C ARG B 344 -6.03 -37.82 28.05
N GLY B 345 -6.99 -37.12 28.64
CA GLY B 345 -6.73 -35.83 29.27
C GLY B 345 -6.12 -34.79 28.37
N VAL B 346 -6.40 -34.84 27.07
CA VAL B 346 -5.82 -33.94 26.10
C VAL B 346 -6.92 -32.98 25.61
N PRO B 347 -6.76 -31.67 25.76
CA PRO B 347 -7.79 -30.74 25.28
C PRO B 347 -7.72 -30.53 23.79
N CYS B 348 -8.85 -30.09 23.23
CA CYS B 348 -8.98 -29.88 21.79
C CYS B 348 -9.50 -28.49 21.43
N ILE B 349 -8.87 -27.90 20.42
CA ILE B 349 -9.35 -26.69 19.76
C ILE B 349 -10.23 -27.10 18.60
N ALA B 350 -11.39 -26.45 18.45
CA ALA B 350 -12.32 -26.76 17.37
C ALA B 350 -12.21 -25.72 16.27
N ASP B 351 -11.10 -25.78 15.52
CA ASP B 351 -10.84 -24.78 14.51
C ASP B 351 -11.77 -24.98 13.31
N GLY B 352 -12.37 -23.89 12.85
CA GLY B 352 -13.13 -23.91 11.61
C GLY B 352 -14.65 -23.86 11.76
N GLY B 353 -15.30 -23.13 10.85
CA GLY B 353 -16.72 -23.21 10.59
C GLY B 353 -17.65 -22.51 11.56
N LEU B 354 -17.15 -21.66 12.45
CA LEU B 354 -18.00 -21.00 13.45
C LEU B 354 -18.45 -19.63 12.95
N ARG B 355 -19.74 -19.35 13.10
CA ARG B 355 -20.31 -18.09 12.65
C ARG B 355 -21.06 -17.35 13.75
N THR B 356 -21.90 -18.04 14.52
CA THR B 356 -22.66 -17.44 15.61
C THR B 356 -21.98 -17.75 16.93
N SER B 357 -22.36 -17.01 17.96
CA SER B 357 -22.06 -17.46 19.31
C SER B 357 -22.74 -18.80 19.58
N GLY B 358 -23.97 -18.96 19.10
CA GLY B 358 -24.66 -20.23 19.27
C GLY B 358 -23.87 -21.38 18.69
N ASP B 359 -23.19 -21.16 17.56
CA ASP B 359 -22.29 -22.17 17.03
C ASP B 359 -21.19 -22.51 18.01
N ILE B 360 -20.82 -21.58 18.90
CA ILE B 360 -19.76 -21.84 19.86
C ILE B 360 -20.26 -22.75 20.96
N SER B 361 -21.45 -22.47 21.51
CA SER B 361 -22.06 -23.43 22.42
C SER B 361 -22.11 -24.81 21.81
N LYS B 362 -22.45 -24.90 20.55
CA LYS B 362 -22.54 -26.20 19.93
C LYS B 362 -21.19 -26.88 19.95
N ALA B 363 -20.14 -26.15 19.61
CA ALA B 363 -18.80 -26.74 19.61
C ALA B 363 -18.43 -27.23 21.01
N ILE B 364 -18.63 -26.41 22.03
CA ILE B 364 -18.27 -26.79 23.38
C ILE B 364 -19.06 -28.02 23.81
N GLY B 365 -20.37 -28.00 23.58
CA GLY B 365 -21.20 -29.12 23.98
C GLY B 365 -20.86 -30.42 23.27
N ALA B 366 -20.37 -30.32 22.04
CA ALA B 366 -19.93 -31.51 21.32
C ALA B 366 -18.60 -32.03 21.84
N GLY B 367 -18.03 -31.41 22.87
CA GLY B 367 -16.82 -31.89 23.51
C GLY B 367 -15.60 -30.99 23.40
N ALA B 368 -15.66 -29.90 22.63
CA ALA B 368 -14.50 -29.03 22.48
C ALA B 368 -14.18 -28.33 23.80
N ASP B 369 -12.91 -27.95 23.93
CA ASP B 369 -12.44 -27.19 25.09
C ASP B 369 -12.25 -25.72 24.77
N THR B 370 -11.95 -25.43 23.51
CA THR B 370 -11.79 -24.07 23.02
C THR B 370 -12.26 -24.05 21.57
N VAL B 371 -12.42 -22.86 21.03
CA VAL B 371 -12.77 -22.68 19.63
C VAL B 371 -11.77 -21.75 19.01
N MET B 372 -11.48 -21.96 17.73
CA MET B 372 -10.63 -21.06 16.97
C MET B 372 -11.52 -20.27 16.02
N LEU B 373 -11.43 -18.94 16.12
CA LEU B 373 -12.33 -18.04 15.41
C LEU B 373 -11.64 -17.47 14.18
N GLY B 374 -12.35 -17.53 13.04
CA GLY B 374 -11.80 -17.08 11.78
C GLY B 374 -12.42 -15.81 11.23
N ASN B 375 -13.40 -15.95 10.32
CA ASN B 375 -14.07 -14.79 9.74
C ASN B 375 -14.60 -13.87 10.83
N MET B 376 -15.03 -14.44 11.96
CA MET B 376 -15.68 -13.67 13.01
C MET B 376 -14.79 -12.62 13.63
N LEU B 377 -13.48 -12.65 13.37
CA LEU B 377 -12.59 -11.65 13.93
C LEU B 377 -11.86 -10.84 12.87
N ALA B 378 -11.81 -11.32 11.63
CA ALA B 378 -11.22 -10.55 10.55
C ALA B 378 -12.02 -9.25 10.37
N GLY B 379 -11.30 -8.13 10.24
CA GLY B 379 -11.92 -6.84 10.15
C GLY B 379 -12.09 -6.10 11.46
N THR B 380 -11.77 -6.73 12.59
CA THR B 380 -11.81 -6.02 13.85
C THR B 380 -10.57 -5.15 13.98
N ASP B 381 -10.68 -4.10 14.81
CA ASP B 381 -9.64 -3.07 14.89
C ASP B 381 -8.25 -3.69 14.95
N GLU B 382 -8.08 -4.65 15.86
CA GLU B 382 -6.82 -5.28 16.20
C GLU B 382 -6.40 -6.35 15.20
N ALA B 383 -7.26 -6.74 14.28
CA ALA B 383 -6.84 -7.55 13.16
C ALA B 383 -5.94 -6.71 12.24
N PRO B 384 -5.11 -7.35 11.43
CA PRO B 384 -4.24 -6.60 10.52
C PRO B 384 -5.02 -6.02 9.33
N GLY B 385 -4.41 -5.05 8.68
CA GLY B 385 -4.91 -4.46 7.44
C GLY B 385 -5.32 -2.99 7.57
N ARG B 386 -4.93 -2.18 6.59
CA ARG B 386 -5.21 -0.74 6.60
C ARG B 386 -6.71 -0.48 6.54
N VAL B 387 -7.13 0.65 7.13
CA VAL B 387 -8.56 0.94 7.32
C VAL B 387 -9.07 2.04 6.39
N LYS B 394 -16.74 2.14 5.93
CA LYS B 394 -15.37 1.93 6.41
C LYS B 394 -14.99 0.45 6.28
N VAL B 395 -13.80 0.16 5.75
CA VAL B 395 -13.39 -1.20 5.44
C VAL B 395 -11.89 -1.36 5.71
N LYS B 396 -11.46 -2.63 5.88
CA LYS B 396 -10.06 -2.97 6.11
C LYS B 396 -9.53 -3.86 4.99
N ILE B 397 -8.33 -3.53 4.51
CA ILE B 397 -7.74 -4.17 3.33
C ILE B 397 -6.27 -4.49 3.62
N ILE B 398 -5.89 -5.76 3.42
CA ILE B 398 -4.52 -6.21 3.68
C ILE B 398 -3.77 -6.49 2.36
N GLU B 431 -5.58 -9.00 -3.34
CA GLU B 431 -5.53 -9.25 -1.91
C GLU B 431 -6.86 -8.89 -1.22
N GLY B 432 -6.88 -8.95 0.12
CA GLY B 432 -8.13 -9.03 0.86
C GLY B 432 -8.79 -7.69 1.21
N SER B 433 -10.11 -7.74 1.39
CA SER B 433 -10.93 -6.55 1.67
C SER B 433 -12.19 -6.97 2.42
N VAL B 434 -12.19 -6.80 3.74
CA VAL B 434 -13.32 -7.12 4.61
C VAL B 434 -13.86 -5.85 5.26
N ALA B 435 -15.17 -5.84 5.53
CA ALA B 435 -15.79 -4.70 6.19
C ALA B 435 -15.35 -4.61 7.65
N CYS B 436 -15.34 -3.38 8.18
CA CYS B 436 -14.87 -3.15 9.54
C CYS B 436 -15.90 -3.64 10.53
N LYS B 437 -15.45 -4.38 11.54
CA LYS B 437 -16.36 -4.95 12.54
C LYS B 437 -16.32 -4.22 13.87
N GLY B 438 -15.31 -3.39 14.10
CA GLY B 438 -15.19 -2.69 15.35
C GLY B 438 -14.08 -3.27 16.20
N PRO B 439 -14.15 -3.09 17.51
CA PRO B 439 -13.10 -3.61 18.39
C PRO B 439 -13.36 -5.06 18.80
N VAL B 440 -12.28 -5.86 18.82
CA VAL B 440 -12.41 -7.28 19.14
C VAL B 440 -13.06 -7.48 20.50
N GLY B 441 -12.76 -6.58 21.44
CA GLY B 441 -13.24 -6.68 22.80
C GLY B 441 -14.73 -6.99 22.93
N PRO B 442 -15.58 -6.02 22.60
CA PRO B 442 -17.03 -6.24 22.75
C PRO B 442 -17.59 -7.31 21.82
N ILE B 443 -16.86 -7.72 20.78
CA ILE B 443 -17.31 -8.83 19.95
C ILE B 443 -17.10 -10.15 20.67
N VAL B 444 -15.98 -10.29 21.40
CA VAL B 444 -15.77 -11.55 22.12
C VAL B 444 -16.58 -11.59 23.41
N ARG B 445 -16.91 -10.44 24.01
CA ARG B 445 -17.74 -10.47 25.21
C ARG B 445 -19.15 -10.96 24.90
N GLN B 446 -19.76 -10.42 23.86
CA GLN B 446 -21.07 -10.93 23.43
C GLN B 446 -20.96 -12.39 23.02
N LEU B 447 -19.82 -12.79 22.47
CA LEU B 447 -19.61 -14.18 22.10
C LEU B 447 -19.62 -15.07 23.32
N VAL B 448 -18.79 -14.74 24.32
CA VAL B 448 -18.80 -15.50 25.57
C VAL B 448 -20.18 -15.42 26.23
N GLY B 449 -20.86 -14.26 26.12
CA GLY B 449 -22.22 -14.16 26.60
C GLY B 449 -23.14 -15.23 26.01
N GLY B 450 -23.03 -15.46 24.70
CA GLY B 450 -23.88 -16.46 24.06
C GLY B 450 -23.62 -17.85 24.59
N LEU B 451 -22.33 -18.24 24.66
CA LEU B 451 -21.96 -19.54 25.24
C LEU B 451 -22.46 -19.64 26.67
N ARG B 452 -22.18 -18.64 27.51
CA ARG B 452 -22.72 -18.62 28.86
C ARG B 452 -24.22 -18.88 28.81
N SER B 453 -24.92 -18.22 27.89
CA SER B 453 -26.36 -18.46 27.75
C SER B 453 -26.63 -19.84 27.20
N GLY B 454 -25.85 -20.28 26.22
CA GLY B 454 -26.03 -21.63 25.69
C GLY B 454 -25.82 -22.68 26.77
N MET B 455 -24.82 -22.48 27.63
CA MET B 455 -24.61 -23.41 28.73
C MET B 455 -25.84 -23.52 29.61
N SER B 456 -26.53 -22.39 29.86
CA SER B 456 -27.69 -22.44 30.74
C SER B 456 -28.80 -23.31 30.15
N TYR B 457 -28.93 -23.35 28.82
CA TYR B 457 -29.89 -24.24 28.21
C TYR B 457 -29.50 -25.70 28.39
N SER B 458 -28.20 -25.98 28.51
CA SER B 458 -27.73 -27.33 28.80
C SER B 458 -27.73 -27.63 30.29
N GLY B 459 -28.06 -26.65 31.13
CA GLY B 459 -28.05 -26.88 32.55
C GLY B 459 -26.67 -27.05 33.11
N ALA B 460 -25.68 -26.42 32.48
CA ALA B 460 -24.28 -26.57 32.87
C ALA B 460 -23.82 -25.34 33.61
N LYS B 461 -22.98 -25.54 34.63
CA LYS B 461 -22.37 -24.45 35.36
C LYS B 461 -20.87 -24.35 35.12
N SER B 462 -20.29 -25.21 34.28
CA SER B 462 -18.87 -25.19 33.99
C SER B 462 -18.62 -25.82 32.62
N ILE B 463 -17.45 -25.52 32.05
CA ILE B 463 -17.13 -25.99 30.71
C ILE B 463 -17.22 -27.51 30.62
N GLU B 464 -16.66 -28.20 31.64
CA GLU B 464 -16.76 -29.65 31.68
C GLU B 464 -18.22 -30.10 31.66
N GLU B 465 -19.07 -29.43 32.44
CA GLU B 465 -20.50 -29.79 32.44
C GLU B 465 -21.11 -29.57 31.07
N MET B 466 -20.81 -28.43 30.45
CA MET B 466 -21.31 -28.15 29.10
C MET B 466 -20.96 -29.29 28.16
N GLN B 467 -19.71 -29.80 28.26
CA GLN B 467 -19.26 -30.89 27.39
C GLN B 467 -20.05 -32.17 27.65
N ARG B 468 -20.29 -32.47 28.93
CA ARG B 468 -20.89 -33.76 29.28
C ARG B 468 -22.41 -33.74 29.21
N ARG B 469 -23.04 -32.60 29.51
CA ARG B 469 -24.48 -32.56 29.68
C ARG B 469 -25.25 -32.24 28.41
N THR B 470 -24.62 -31.67 27.40
CA THR B 470 -25.34 -31.21 26.22
C THR B 470 -25.84 -32.41 25.41
N ARG B 471 -27.12 -32.38 25.05
CA ARG B 471 -27.70 -33.38 24.16
C ARG B 471 -28.27 -32.67 22.94
N PHE B 472 -27.96 -33.16 21.74
CA PHE B 472 -28.32 -32.50 20.49
C PHE B 472 -29.58 -33.10 19.87
N VAL B 473 -30.12 -32.36 18.89
CA VAL B 473 -31.26 -32.80 18.08
C VAL B 473 -31.08 -32.27 16.66
N ARG B 474 -31.36 -33.10 15.67
CA ARG B 474 -31.14 -32.73 14.28
C ARG B 474 -32.33 -31.93 13.71
N MET B 475 -32.01 -31.03 12.79
CA MET B 475 -33.00 -30.35 11.97
C MET B 475 -32.85 -30.75 10.51
N THR B 476 -33.96 -30.66 9.79
CA THR B 476 -34.00 -30.95 8.38
C THR B 476 -33.80 -29.66 7.58
N GLY B 477 -33.90 -29.77 6.26
CA GLY B 477 -33.88 -28.61 5.39
C GLY B 477 -34.75 -27.50 5.94
N ALA B 478 -36.06 -27.73 6.00
CA ALA B 478 -36.97 -26.73 6.55
C ALA B 478 -36.67 -26.39 7.99
N GLY B 479 -35.93 -27.25 8.70
CA GLY B 479 -35.68 -27.04 10.12
C GLY B 479 -34.76 -25.88 10.42
N LEU B 480 -33.76 -25.63 9.57
CA LEU B 480 -32.87 -24.49 9.79
C LEU B 480 -33.54 -23.16 9.45
N ARG B 481 -34.44 -23.15 8.45
CA ARG B 481 -35.01 -21.91 7.92
C ARG B 481 -36.08 -21.27 8.81
N GLU B 482 -36.11 -21.58 10.11
CA GLU B 482 -37.03 -20.90 11.05
C GLU B 482 -36.25 -20.31 12.23
#